data_3D64
#
_entry.id   3D64
#
_cell.length_a   186.363
_cell.length_b   186.363
_cell.length_c   104.403
_cell.angle_alpha   90.000
_cell.angle_beta   90.000
_cell.angle_gamma   120.000
#
_symmetry.space_group_name_H-M   'P 32 2 1'
#
loop_
_entity.id
_entity.type
_entity.pdbx_description
1 polymer Adenosylhomocysteinase
2 non-polymer NICOTINAMIDE-ADENINE-DINUCLEOTIDE
3 water water
#
_entity_poly.entity_id   1
_entity_poly.type   'polypeptide(L)'
_entity_poly.pdbx_seq_one_letter_code
;MAHHHHHHMGTLEAQTQGPGSMNAAVIDSHSAQDYVVADIALAGWGRKELNIAETEMPGLVQIRDEYKAQQPLKGARIAG
SLHMTIQTGVLIETLKALGADVRWASCNIFSTQDHAAAAIVEAGTPVFAFKGESLDEYWEFSHRIFEWPNGEFANMILDD
GGDATLLLILGSKAEKDRSVIARPTNEEEVALFKSIERHLEIDGSWYSKRLAHIKGVTEETTTGVHRLYQMEKDGRLPFP
AFNVNDSVTKSKFDNLYGCRESLVDGIKRATDVMIAGKIAVVAGYGDVGKGCAQSLRGLGATVWVTEIDPICALQAAMEG
YRVVTMEYAADKADIFVTATGNYHVINHDHMKAMRHNAIVCNIGHFDSEIDVASTRQYQWENIKPQVDHIIFPDGKRVIL
LAEGRLVNLGCATGHPSFVMSNSFTNQTLAQIELFTRGGEYANKVYVLPKHLDEKVARLHLARIGAQLSELSDDQAAYIG
VSKAGPFKPDHYRY
;
_entity_poly.pdbx_strand_id   A,B
#
loop_
_chem_comp.id
_chem_comp.type
_chem_comp.name
_chem_comp.formula
NAD non-polymer NICOTINAMIDE-ADENINE-DINUCLEOTIDE 'C21 H27 N7 O14 P2'
#
# COMPACT_ATOMS: atom_id res chain seq x y z
N GLN A 33 -7.46 35.61 -34.16
CA GLN A 33 -7.95 34.48 -33.29
C GLN A 33 -6.80 33.90 -32.51
N ASP A 34 -6.82 34.14 -31.20
CA ASP A 34 -5.80 33.60 -30.32
C ASP A 34 -6.26 32.23 -29.85
N TYR A 35 -6.31 31.33 -30.82
CA TYR A 35 -6.67 29.96 -30.63
C TYR A 35 -6.64 29.26 -31.96
N VAL A 36 -6.48 27.94 -31.91
CA VAL A 36 -6.67 27.08 -33.07
C VAL A 36 -7.43 25.81 -32.67
N VAL A 37 -8.67 25.74 -33.12
CA VAL A 37 -9.57 24.61 -32.88
C VAL A 37 -10.21 24.12 -34.20
N ALA A 38 -10.76 22.91 -34.17
CA ALA A 38 -11.47 22.32 -35.33
C ALA A 38 -12.62 23.19 -35.82
N ASP A 39 -13.49 23.57 -34.90
CA ASP A 39 -14.72 24.27 -35.27
C ASP A 39 -15.38 24.87 -34.05
N ILE A 40 -15.32 26.19 -33.95
CA ILE A 40 -15.84 26.91 -32.80
C ILE A 40 -17.38 26.71 -32.66
N ALA A 41 -18.00 26.19 -33.71
CA ALA A 41 -19.46 25.97 -33.74
C ALA A 41 -19.86 24.82 -32.79
N LEU A 42 -18.87 24.01 -32.41
CA LEU A 42 -19.06 22.85 -31.54
C LEU A 42 -19.16 23.25 -30.07
N ALA A 43 -19.12 24.55 -29.81
CA ALA A 43 -19.04 25.08 -28.45
C ALA A 43 -20.24 24.75 -27.58
N GLY A 44 -21.43 24.78 -28.16
CA GLY A 44 -22.66 24.61 -27.38
C GLY A 44 -22.77 23.18 -26.87
N TRP A 45 -22.46 22.27 -27.76
CA TRP A 45 -22.36 20.85 -27.45
C TRP A 45 -21.34 20.60 -26.31
N GLY A 46 -20.18 21.24 -26.40
CA GLY A 46 -19.12 21.09 -25.43
C GLY A 46 -19.56 21.56 -24.07
N ARG A 47 -20.28 22.68 -24.04
CA ARG A 47 -20.72 23.30 -22.79
C ARG A 47 -21.72 22.40 -22.07
N LYS A 48 -22.52 21.67 -22.84
CA LYS A 48 -23.53 20.78 -22.29
C LYS A 48 -22.84 19.59 -21.64
N GLU A 49 -21.76 19.13 -22.24
CA GLU A 49 -21.00 17.99 -21.74
C GLU A 49 -20.10 18.37 -20.57
N LEU A 50 -19.66 19.62 -20.54
CA LEU A 50 -18.94 20.18 -19.39
C LEU A 50 -19.87 20.22 -18.20
N ASN A 51 -21.08 20.68 -18.42
CA ASN A 51 -22.05 20.81 -17.35
C ASN A 51 -22.39 19.45 -16.76
N ILE A 52 -22.33 18.42 -17.58
CA ILE A 52 -22.62 17.07 -17.10
C ILE A 52 -21.41 16.56 -16.30
N ALA A 53 -20.21 16.73 -16.85
CA ALA A 53 -18.95 16.25 -16.22
C ALA A 53 -18.72 16.83 -14.83
N GLU A 54 -19.14 18.07 -14.61
CA GLU A 54 -18.88 18.75 -13.34
C GLU A 54 -19.47 18.00 -12.14
N THR A 55 -20.61 17.32 -12.37
CA THR A 55 -21.32 16.66 -11.28
C THR A 55 -20.53 15.45 -10.83
N GLU A 56 -19.79 14.90 -11.78
CA GLU A 56 -18.99 13.69 -11.60
C GLU A 56 -17.54 14.01 -11.24
N MET A 57 -17.25 15.29 -11.07
CA MET A 57 -15.89 15.79 -10.72
C MET A 57 -15.96 16.75 -9.54
N PRO A 58 -16.45 16.26 -8.40
CA PRO A 58 -16.74 17.05 -7.21
C PRO A 58 -15.48 17.65 -6.58
N GLY A 59 -14.36 16.98 -6.74
CA GLY A 59 -13.10 17.48 -6.21
C GLY A 59 -12.76 18.83 -6.83
N LEU A 60 -12.88 18.94 -8.15
CA LEU A 60 -12.62 20.19 -8.86
C LEU A 60 -13.66 21.26 -8.53
N VAL A 61 -14.93 20.88 -8.52
CA VAL A 61 -15.99 21.86 -8.32
C VAL A 61 -15.94 22.40 -6.90
N GLN A 62 -15.51 21.56 -5.98
CA GLN A 62 -15.49 21.97 -4.58
C GLN A 62 -14.30 22.88 -4.26
N ILE A 63 -13.19 22.68 -4.98
CA ILE A 63 -12.04 23.57 -4.89
C ILE A 63 -12.47 25.00 -5.28
N ARG A 64 -13.32 25.09 -6.30
CA ARG A 64 -13.79 26.40 -6.79
C ARG A 64 -14.51 27.14 -5.67
N ASP A 65 -15.38 26.41 -4.97
CA ASP A 65 -16.23 27.03 -3.97
C ASP A 65 -15.38 27.40 -2.76
N GLU A 66 -14.44 26.53 -2.43
CA GLU A 66 -13.63 26.71 -1.23
C GLU A 66 -12.62 27.86 -1.32
N TYR A 67 -12.03 28.03 -2.50
CA TYR A 67 -10.94 28.99 -2.71
C TYR A 67 -11.42 30.22 -3.47
N LYS A 68 -12.72 30.33 -3.61
CA LYS A 68 -13.33 31.46 -4.33
C LYS A 68 -12.82 32.81 -3.79
N ALA A 69 -13.04 33.02 -2.52
CA ALA A 69 -12.72 34.30 -1.86
C ALA A 69 -11.23 34.61 -1.96
N GLN A 70 -10.40 33.60 -1.74
CA GLN A 70 -8.94 33.79 -1.68
C GLN A 70 -8.30 34.07 -3.06
N GLN A 71 -8.89 33.55 -4.13
CA GLN A 71 -8.31 33.65 -5.48
C GLN A 71 -6.81 33.36 -5.49
N PRO A 72 -6.41 32.16 -5.06
CA PRO A 72 -4.99 31.84 -4.86
C PRO A 72 -4.14 31.87 -6.13
N LEU A 73 -4.79 31.82 -7.28
CA LEU A 73 -4.05 31.72 -8.53
C LEU A 73 -4.09 33.06 -9.30
N LYS A 74 -4.59 34.09 -8.63
CA LYS A 74 -4.52 35.44 -9.17
C LYS A 74 -3.05 35.77 -9.36
N GLY A 75 -2.67 36.09 -10.60
CA GLY A 75 -1.28 36.39 -10.94
C GLY A 75 -0.57 35.22 -11.60
N ALA A 76 -1.21 34.06 -11.55
CA ALA A 76 -0.68 32.86 -12.24
C ALA A 76 -1.03 32.93 -13.72
N ARG A 77 -0.04 32.63 -14.53
CA ARG A 77 -0.20 32.49 -15.97
C ARG A 77 0.27 31.08 -16.32
N ILE A 78 -0.69 30.17 -16.41
CA ILE A 78 -0.43 28.73 -16.56
C ILE A 78 -0.43 28.33 -18.01
N ALA A 79 0.71 27.78 -18.45
CA ALA A 79 0.82 27.07 -19.71
C ALA A 79 0.47 25.59 -19.45
N GLY A 80 -0.57 25.09 -20.10
CA GLY A 80 -1.02 23.72 -19.87
C GLY A 80 -0.93 22.84 -21.09
N SER A 81 -0.35 21.67 -20.89
CA SER A 81 -0.18 20.65 -21.92
C SER A 81 -0.76 19.30 -21.43
N LEU A 82 -2.00 19.03 -21.82
CA LEU A 82 -2.78 17.93 -21.29
C LEU A 82 -3.97 17.68 -22.20
N HIS A 83 -4.15 16.40 -22.59
CA HIS A 83 -5.30 15.90 -23.37
C HIS A 83 -6.50 16.81 -23.26
N MET A 84 -6.86 17.42 -24.39
CA MET A 84 -7.89 18.44 -24.45
C MET A 84 -9.27 17.80 -24.60
N THR A 85 -9.67 17.18 -23.49
CA THR A 85 -10.95 16.50 -23.35
C THR A 85 -11.90 17.32 -22.49
N ILE A 86 -13.12 16.82 -22.35
CA ILE A 86 -14.16 17.48 -21.54
C ILE A 86 -13.76 17.56 -20.07
N GLN A 87 -13.15 16.49 -19.59
CA GLN A 87 -12.71 16.41 -18.19
C GLN A 87 -11.58 17.41 -17.89
N THR A 88 -10.64 17.57 -18.85
CA THR A 88 -9.57 18.55 -18.75
C THR A 88 -10.18 19.96 -18.78
N GLY A 89 -11.27 20.10 -19.50
CA GLY A 89 -11.99 21.36 -19.55
C GLY A 89 -12.45 21.80 -18.19
N VAL A 90 -12.91 20.85 -17.39
CA VAL A 90 -13.39 21.17 -16.03
C VAL A 90 -12.22 21.61 -15.16
N LEU A 91 -11.04 21.06 -15.43
CA LEU A 91 -9.80 21.47 -14.75
C LEU A 91 -9.41 22.91 -15.16
N ILE A 92 -9.48 23.21 -16.45
CA ILE A 92 -9.12 24.54 -16.97
C ILE A 92 -9.95 25.62 -16.27
N GLU A 93 -11.25 25.40 -16.18
CA GLU A 93 -12.16 26.40 -15.64
C GLU A 93 -12.12 26.49 -14.11
N THR A 94 -11.61 25.44 -13.48
CA THR A 94 -11.32 25.48 -12.06
C THR A 94 -10.12 26.40 -11.84
N LEU A 95 -9.08 26.22 -12.63
CA LEU A 95 -7.87 27.07 -12.56
C LEU A 95 -8.26 28.57 -12.75
N LYS A 96 -9.13 28.81 -13.72
CA LYS A 96 -9.68 30.16 -13.96
C LYS A 96 -10.54 30.68 -12.82
N ALA A 97 -11.37 29.81 -12.21
CA ALA A 97 -12.25 30.24 -11.10
C ALA A 97 -11.43 30.63 -9.86
N LEU A 98 -10.17 30.20 -9.85
CA LEU A 98 -9.27 30.44 -8.74
C LEU A 98 -8.40 31.67 -9.03
N GLY A 99 -8.58 32.25 -10.20
CA GLY A 99 -7.89 33.48 -10.58
C GLY A 99 -6.85 33.36 -11.68
N ALA A 100 -6.57 32.14 -12.17
CA ALA A 100 -5.53 31.98 -13.18
C ALA A 100 -5.92 32.50 -14.55
N ASP A 101 -4.89 32.90 -15.27
CA ASP A 101 -4.98 33.12 -16.70
C ASP A 101 -4.29 31.91 -17.31
N VAL A 102 -4.87 31.37 -18.38
CA VAL A 102 -4.47 30.06 -18.90
C VAL A 102 -4.37 30.03 -20.42
N ARG A 103 -3.35 29.35 -20.92
CA ARG A 103 -3.24 28.99 -22.33
C ARG A 103 -3.02 27.47 -22.43
N TRP A 104 -3.75 26.82 -23.33
CA TRP A 104 -3.77 25.38 -23.34
C TRP A 104 -3.52 24.74 -24.68
N ALA A 105 -2.81 23.61 -24.61
CA ALA A 105 -2.61 22.70 -25.74
C ALA A 105 -2.75 21.23 -25.26
N SER A 106 -2.95 20.34 -26.22
CA SER A 106 -2.97 18.91 -25.95
C SER A 106 -1.59 18.33 -25.86
N CYS A 107 -1.45 17.22 -25.13
CA CYS A 107 -0.19 16.49 -25.01
C CYS A 107 -0.19 15.30 -25.97
N ASN A 108 -1.26 15.22 -26.75
CA ASN A 108 -1.39 14.17 -27.76
C ASN A 108 -2.16 14.61 -29.00
N ILE A 109 -1.67 14.23 -30.17
CA ILE A 109 -2.27 14.70 -31.43
C ILE A 109 -3.68 14.16 -31.68
N PHE A 110 -4.05 13.06 -31.00
CA PHE A 110 -5.31 12.38 -31.29
C PHE A 110 -6.34 12.45 -30.16
N SER A 111 -5.92 12.90 -28.98
CA SER A 111 -6.76 12.83 -27.78
C SER A 111 -7.76 13.97 -27.60
N THR A 112 -7.65 15.01 -28.42
CA THR A 112 -8.49 16.19 -28.25
C THR A 112 -9.93 15.86 -28.59
N GLN A 113 -10.86 16.36 -27.78
CA GLN A 113 -12.28 16.36 -28.10
C GLN A 113 -12.64 17.76 -28.62
N ASP A 114 -12.96 17.84 -29.90
CA ASP A 114 -13.05 19.14 -30.56
C ASP A 114 -14.12 20.01 -29.94
N HIS A 115 -15.19 19.41 -29.45
CA HIS A 115 -16.27 20.22 -28.85
C HIS A 115 -15.88 20.75 -27.48
N ALA A 116 -15.00 20.02 -26.80
CA ALA A 116 -14.47 20.51 -25.52
C ALA A 116 -13.58 21.74 -25.76
N ALA A 117 -12.71 21.66 -26.76
CA ALA A 117 -11.79 22.74 -27.12
C ALA A 117 -12.59 24.01 -27.46
N ALA A 118 -13.60 23.81 -28.30
CA ALA A 118 -14.53 24.86 -28.71
C ALA A 118 -15.16 25.56 -27.53
N ALA A 119 -15.64 24.78 -26.56
CA ALA A 119 -16.39 25.37 -25.43
C ALA A 119 -15.46 26.17 -24.53
N ILE A 120 -14.22 25.72 -24.44
CA ILE A 120 -13.24 26.35 -23.54
C ILE A 120 -12.78 27.69 -24.16
N VAL A 121 -12.54 27.67 -25.46
CA VAL A 121 -12.27 28.90 -26.21
C VAL A 121 -13.42 29.91 -26.04
N GLU A 122 -14.64 29.46 -26.32
CA GLU A 122 -15.82 30.33 -26.22
C GLU A 122 -15.92 30.97 -24.85
N ALA A 123 -15.42 30.28 -23.83
CA ALA A 123 -15.51 30.80 -22.46
C ALA A 123 -14.34 31.73 -22.15
N GLY A 124 -13.41 31.87 -23.10
CA GLY A 124 -12.36 32.88 -23.00
C GLY A 124 -10.94 32.40 -22.76
N THR A 125 -10.66 31.11 -23.02
CA THR A 125 -9.31 30.57 -22.87
C THR A 125 -8.72 30.20 -24.22
N PRO A 126 -7.52 30.74 -24.52
CA PRO A 126 -6.78 30.24 -25.70
C PRO A 126 -6.47 28.73 -25.64
N VAL A 127 -6.91 28.01 -26.66
CA VAL A 127 -6.66 26.59 -26.82
C VAL A 127 -6.05 26.37 -28.19
N PHE A 128 -5.00 25.57 -28.24
CA PHE A 128 -4.33 25.21 -29.49
C PHE A 128 -4.31 23.69 -29.62
N ALA A 129 -5.42 23.17 -30.14
CA ALA A 129 -5.70 21.72 -30.07
C ALA A 129 -6.85 21.30 -30.97
N PHE A 130 -6.59 20.30 -31.79
CA PHE A 130 -7.64 19.60 -32.52
C PHE A 130 -7.25 18.15 -32.78
N LYS A 131 -8.25 17.30 -32.84
CA LYS A 131 -8.01 15.86 -33.08
C LYS A 131 -7.51 15.65 -34.50
N GLY A 132 -6.39 14.94 -34.62
CA GLY A 132 -5.82 14.63 -35.92
C GLY A 132 -4.85 15.68 -36.43
N GLU A 133 -4.29 16.47 -35.51
CA GLU A 133 -3.34 17.50 -35.88
C GLU A 133 -2.02 16.83 -36.19
N SER A 134 -1.21 17.47 -37.04
CA SER A 134 0.10 16.93 -37.42
C SER A 134 1.13 17.16 -36.32
N LEU A 135 2.31 16.55 -36.49
CA LEU A 135 3.38 16.69 -35.50
C LEU A 135 3.90 18.15 -35.54
N ASP A 136 3.93 18.73 -36.73
CA ASP A 136 4.36 20.12 -36.88
C ASP A 136 3.43 21.04 -36.10
N GLU A 137 2.13 20.81 -36.27
CA GLU A 137 1.12 21.57 -35.55
C GLU A 137 1.21 21.36 -34.04
N TYR A 138 1.56 20.14 -33.65
CA TYR A 138 1.65 19.78 -32.24
C TYR A 138 2.74 20.60 -31.54
N TRP A 139 3.90 20.66 -32.18
CA TRP A 139 5.03 21.42 -31.61
C TRP A 139 4.83 22.94 -31.72
N GLU A 140 4.15 23.38 -32.77
CA GLU A 140 3.77 24.79 -32.89
C GLU A 140 2.86 25.19 -31.75
N PHE A 141 1.87 24.34 -31.48
CA PHE A 141 0.87 24.63 -30.46
C PHE A 141 1.50 24.60 -29.07
N SER A 142 2.57 23.82 -28.92
CA SER A 142 3.31 23.77 -27.66
C SER A 142 4.09 25.06 -27.41
N HIS A 143 4.47 25.76 -28.48
CA HIS A 143 5.06 27.11 -28.38
C HIS A 143 3.98 28.15 -28.04
N ARG A 144 2.80 28.00 -28.63
CA ARG A 144 1.75 29.01 -28.45
C ARG A 144 1.31 29.19 -27.01
N ILE A 145 1.38 28.10 -26.23
CA ILE A 145 0.97 28.14 -24.83
C ILE A 145 1.99 28.97 -24.01
N PHE A 146 3.17 29.16 -24.59
CA PHE A 146 4.26 29.95 -24.00
C PHE A 146 4.43 31.34 -24.66
N GLU A 147 3.55 31.70 -25.60
CA GLU A 147 3.58 33.07 -26.15
C GLU A 147 2.39 33.87 -25.72
N TRP A 148 2.61 34.61 -24.63
CA TRP A 148 1.59 35.42 -24.00
C TRP A 148 1.59 36.83 -24.57
N PRO A 149 0.41 37.42 -24.68
CA PRO A 149 0.32 38.74 -25.28
C PRO A 149 0.70 39.87 -24.32
N ASN A 150 0.97 41.02 -24.92
CA ASN A 150 1.23 42.25 -24.17
C ASN A 150 2.48 42.17 -23.31
N GLY A 151 3.50 41.49 -23.83
CA GLY A 151 4.80 41.40 -23.17
C GLY A 151 4.86 40.51 -21.93
N GLU A 152 3.80 39.73 -21.72
CA GLU A 152 3.75 38.81 -20.58
C GLU A 152 4.38 37.43 -20.83
N PHE A 153 4.54 36.75 -19.69
CA PHE A 153 5.17 35.42 -19.63
C PHE A 153 4.38 34.44 -18.77
N ALA A 154 4.28 33.20 -19.25
CA ALA A 154 3.85 32.09 -18.38
C ALA A 154 4.78 32.03 -17.17
N ASN A 155 4.20 31.80 -16.00
CA ASN A 155 4.97 31.59 -14.76
C ASN A 155 4.67 30.23 -14.07
N MET A 156 3.87 29.40 -14.72
CA MET A 156 3.59 28.03 -14.26
C MET A 156 3.37 27.08 -15.44
N ILE A 157 3.83 25.85 -15.28
CA ILE A 157 3.57 24.76 -16.24
C ILE A 157 2.78 23.62 -15.57
N LEU A 158 1.70 23.22 -16.24
CA LEU A 158 0.87 22.09 -15.86
C LEU A 158 1.01 21.11 -17.00
N ASP A 159 1.68 20.00 -16.73
CA ASP A 159 2.18 19.10 -17.79
C ASP A 159 1.70 17.65 -17.57
N ASP A 160 1.56 16.96 -18.67
CA ASP A 160 1.27 15.53 -18.70
C ASP A 160 2.17 14.93 -19.76
N GLY A 161 3.25 14.30 -19.34
CA GLY A 161 4.18 13.70 -20.30
C GLY A 161 5.46 14.48 -20.50
N GLY A 162 5.48 15.72 -20.03
CA GLY A 162 6.69 16.55 -20.02
C GLY A 162 7.15 17.19 -21.35
N ASP A 163 6.32 17.13 -22.39
CA ASP A 163 6.70 17.76 -23.68
C ASP A 163 6.85 19.29 -23.58
N ALA A 164 5.94 19.93 -22.85
CA ALA A 164 5.98 21.39 -22.68
C ALA A 164 7.28 21.79 -21.99
N THR A 165 7.64 21.01 -20.97
CA THR A 165 8.82 21.30 -20.17
C THR A 165 10.07 21.02 -20.97
N LEU A 166 9.99 19.97 -21.77
CA LEU A 166 11.10 19.54 -22.61
C LEU A 166 11.42 20.63 -23.64
N LEU A 167 10.37 21.22 -24.20
CA LEU A 167 10.54 22.27 -25.19
C LEU A 167 11.39 23.43 -24.66
N LEU A 168 11.06 23.94 -23.48
CA LEU A 168 11.81 25.08 -22.94
C LEU A 168 13.24 24.71 -22.62
N ILE A 169 13.41 23.51 -22.06
CA ILE A 169 14.71 23.05 -21.60
C ILE A 169 15.63 22.79 -22.79
N LEU A 170 15.11 22.13 -23.80
CA LEU A 170 15.91 21.77 -24.97
C LEU A 170 16.15 23.00 -25.85
N GLY A 171 15.12 23.82 -26.02
CA GLY A 171 15.25 25.06 -26.76
C GLY A 171 16.32 25.94 -26.15
N SER A 172 16.32 26.05 -24.83
CA SER A 172 17.34 26.84 -24.11
C SER A 172 18.75 26.35 -24.44
N LYS A 173 18.89 25.05 -24.61
CA LYS A 173 20.20 24.45 -24.87
C LYS A 173 20.63 24.75 -26.28
N ALA A 174 19.67 24.69 -27.20
CA ALA A 174 19.92 24.96 -28.60
C ALA A 174 20.38 26.40 -28.83
N GLU A 175 20.05 27.29 -27.89
CA GLU A 175 20.41 28.71 -27.98
C GLU A 175 21.92 28.79 -27.90
N LYS A 176 22.49 27.99 -26.99
CA LYS A 176 23.92 27.98 -26.69
C LYS A 176 24.64 27.02 -27.63
N ASP A 177 23.97 25.94 -28.01
CA ASP A 177 24.59 24.88 -28.80
C ASP A 177 23.61 24.25 -29.78
N ARG A 178 23.65 24.72 -31.01
CA ARG A 178 22.72 24.29 -32.03
C ARG A 178 22.81 22.78 -32.28
N SER A 179 23.90 22.14 -31.86
CA SER A 179 24.11 20.76 -32.27
C SER A 179 23.02 19.86 -31.72
N VAL A 180 22.40 20.29 -30.62
CA VAL A 180 21.44 19.43 -29.90
C VAL A 180 20.16 19.23 -30.70
N ILE A 181 20.03 19.96 -31.81
CA ILE A 181 18.86 19.84 -32.67
C ILE A 181 19.30 19.63 -34.12
N ALA A 182 20.49 19.07 -34.28
CA ALA A 182 21.15 18.91 -35.58
C ALA A 182 20.91 17.53 -36.21
N ARG A 183 20.79 16.50 -35.37
CA ARG A 183 20.63 15.12 -35.86
C ARG A 183 19.39 14.45 -35.26
N PRO A 184 18.23 14.63 -35.93
CA PRO A 184 16.99 14.00 -35.51
C PRO A 184 16.86 12.56 -35.98
N THR A 185 16.68 11.66 -35.02
CA THR A 185 16.47 10.25 -35.31
C THR A 185 15.09 10.00 -35.93
N ASN A 186 14.02 10.26 -35.18
CA ASN A 186 12.70 9.94 -35.68
C ASN A 186 11.88 11.12 -36.21
N GLU A 187 10.57 10.89 -36.22
CA GLU A 187 9.60 11.74 -36.89
C GLU A 187 9.16 12.86 -35.95
N GLU A 188 9.03 12.51 -34.67
CA GLU A 188 8.65 13.46 -33.66
C GLU A 188 9.79 14.49 -33.53
N GLU A 189 11.01 14.02 -33.72
CA GLU A 189 12.21 14.85 -33.52
C GLU A 189 12.41 15.83 -34.67
N VAL A 190 12.10 15.39 -35.87
CA VAL A 190 12.27 16.25 -37.04
C VAL A 190 11.38 17.47 -36.85
N ALA A 191 10.17 17.23 -36.35
CA ALA A 191 9.18 18.29 -36.21
C ALA A 191 9.54 19.19 -35.04
N LEU A 192 10.11 18.59 -33.99
CA LEU A 192 10.45 19.33 -32.78
C LEU A 192 11.62 20.25 -33.07
N PHE A 193 12.65 19.64 -33.63
CA PHE A 193 13.89 20.34 -33.98
C PHE A 193 13.63 21.49 -34.94
N LYS A 194 12.76 21.24 -35.91
CA LYS A 194 12.44 22.25 -36.91
C LYS A 194 11.72 23.43 -36.31
N SER A 195 10.83 23.14 -35.36
CA SER A 195 10.02 24.20 -34.72
C SER A 195 10.89 25.11 -33.86
N ILE A 196 11.95 24.52 -33.31
CA ILE A 196 12.86 25.24 -32.44
C ILE A 196 13.71 26.19 -33.28
N GLU A 197 14.16 25.70 -34.43
CA GLU A 197 14.96 26.55 -35.34
C GLU A 197 14.17 27.74 -35.80
N ARG A 198 12.86 27.54 -35.93
CA ARG A 198 11.96 28.56 -36.45
C ARG A 198 11.78 29.71 -35.43
N HIS A 199 11.78 29.35 -34.15
CA HIS A 199 11.59 30.32 -33.09
C HIS A 199 12.90 30.97 -32.69
N LEU A 200 14.00 30.27 -32.88
CA LEU A 200 15.31 30.87 -32.66
C LEU A 200 15.55 31.99 -33.69
N GLU A 201 14.77 31.96 -34.76
CA GLU A 201 14.91 32.94 -35.84
C GLU A 201 14.10 34.19 -35.48
N ILE A 202 13.10 34.00 -34.64
CA ILE A 202 12.33 35.12 -34.14
C ILE A 202 13.10 35.84 -33.03
N ASP A 203 13.76 35.04 -32.19
CA ASP A 203 14.41 35.50 -30.97
C ASP A 203 15.44 34.48 -30.56
N GLY A 204 16.70 34.88 -30.63
CA GLY A 204 17.84 34.00 -30.42
C GLY A 204 17.89 33.48 -29.00
N SER A 205 17.11 34.09 -28.11
CA SER A 205 17.02 33.59 -26.76
C SER A 205 15.54 33.41 -26.34
N TRP A 206 14.76 33.00 -27.34
CA TRP A 206 13.31 32.74 -27.22
C TRP A 206 12.97 31.90 -25.98
N TYR A 207 13.74 30.85 -25.74
CA TYR A 207 13.40 29.84 -24.70
C TYR A 207 13.88 30.21 -23.31
N SER A 208 15.14 30.60 -23.21
CA SER A 208 15.73 30.86 -21.90
C SER A 208 15.04 31.98 -21.14
N LYS A 209 14.60 33.01 -21.82
CA LYS A 209 13.94 34.13 -21.14
C LYS A 209 12.55 33.73 -20.65
N ARG A 210 11.98 32.72 -21.30
CA ARG A 210 10.68 32.20 -20.88
C ARG A 210 10.84 31.22 -19.70
N LEU A 211 11.89 30.42 -19.79
CA LEU A 211 12.22 29.46 -18.73
C LEU A 211 12.45 30.20 -17.42
N ALA A 212 12.94 31.44 -17.53
CA ALA A 212 13.37 32.21 -16.36
C ALA A 212 12.16 32.69 -15.56
N HIS A 213 10.98 32.57 -16.14
CA HIS A 213 9.75 33.03 -15.49
C HIS A 213 8.93 31.92 -14.83
N ILE A 214 9.30 30.68 -15.12
CA ILE A 214 8.58 29.54 -14.56
C ILE A 214 8.91 29.34 -13.08
N LYS A 215 7.86 29.38 -12.26
CA LYS A 215 7.96 29.31 -10.81
C LYS A 215 7.83 27.87 -10.33
N GLY A 216 7.24 27.03 -11.18
CA GLY A 216 6.96 25.64 -10.84
C GLY A 216 6.38 24.83 -11.97
N VAL A 217 6.65 23.53 -11.93
CA VAL A 217 5.97 22.58 -12.81
C VAL A 217 5.30 21.48 -11.99
N THR A 218 4.10 21.12 -12.42
CA THR A 218 3.38 19.98 -11.88
C THR A 218 3.16 18.97 -12.99
N GLU A 219 3.60 17.74 -12.72
CA GLU A 219 3.64 16.67 -13.70
C GLU A 219 2.93 15.41 -13.20
N GLU A 220 2.15 14.75 -14.06
CA GLU A 220 1.31 13.66 -13.57
C GLU A 220 1.59 12.27 -14.17
N THR A 221 2.50 12.18 -15.12
CA THR A 221 2.77 10.87 -15.70
C THR A 221 4.14 10.37 -15.34
N THR A 222 4.31 9.08 -15.53
CA THR A 222 5.53 8.37 -15.17
C THR A 222 6.70 8.85 -16.00
N THR A 223 6.47 8.98 -17.30
CA THR A 223 7.50 9.42 -18.24
C THR A 223 7.94 10.86 -17.98
N GLY A 224 6.97 11.73 -17.72
CA GLY A 224 7.25 13.12 -17.43
C GLY A 224 8.08 13.20 -16.19
N VAL A 225 7.67 12.44 -15.18
CA VAL A 225 8.37 12.44 -13.90
C VAL A 225 9.81 11.91 -14.06
N HIS A 226 10.02 10.90 -14.91
CA HIS A 226 11.38 10.38 -15.09
C HIS A 226 12.27 11.44 -15.70
N ARG A 227 11.68 12.23 -16.60
CA ARG A 227 12.39 13.31 -17.28
C ARG A 227 12.79 14.39 -16.30
N LEU A 228 11.89 14.74 -15.39
CA LEU A 228 12.21 15.72 -14.35
C LEU A 228 13.37 15.25 -13.45
N TYR A 229 13.36 13.97 -13.08
CA TYR A 229 14.39 13.43 -12.17
C TYR A 229 15.75 13.51 -12.86
N GLN A 230 15.75 13.31 -14.16
CA GLN A 230 16.98 13.39 -14.97
C GLN A 230 17.48 14.84 -15.10
N MET A 231 16.55 15.78 -15.27
CA MET A 231 16.92 17.20 -15.30
C MET A 231 17.59 17.57 -13.99
N GLU A 232 17.05 17.03 -12.90
CA GLU A 232 17.53 17.41 -11.56
C GLU A 232 18.95 16.91 -11.38
N LYS A 233 19.14 15.66 -11.78
CA LYS A 233 20.44 15.01 -11.79
C LYS A 233 21.43 15.91 -12.52
N ASP A 234 21.08 16.24 -13.76
CA ASP A 234 21.95 17.04 -14.64
C ASP A 234 22.06 18.50 -14.23
N GLY A 235 21.55 18.85 -13.06
CA GLY A 235 21.60 20.22 -12.56
C GLY A 235 20.84 21.21 -13.44
N ARG A 236 19.90 20.66 -14.21
CA ARG A 236 19.20 21.39 -15.27
C ARG A 236 17.76 21.78 -14.87
N LEU A 237 17.43 21.57 -13.60
CA LEU A 237 16.09 21.88 -13.09
C LEU A 237 16.09 23.22 -12.35
N PRO A 238 15.47 24.25 -12.95
CA PRO A 238 15.59 25.64 -12.47
C PRO A 238 14.43 26.06 -11.61
N PHE A 239 13.57 25.12 -11.29
CA PHE A 239 12.45 25.41 -10.41
C PHE A 239 11.99 24.13 -9.71
N PRO A 240 11.21 24.29 -8.64
CA PRO A 240 10.55 23.15 -8.01
C PRO A 240 9.53 22.47 -8.94
N ALA A 241 9.51 21.15 -8.83
CA ALA A 241 8.60 20.30 -9.56
C ALA A 241 7.88 19.35 -8.60
N PHE A 242 6.56 19.23 -8.79
CA PHE A 242 5.73 18.25 -8.07
C PHE A 242 5.43 17.05 -8.94
N ASN A 243 5.87 15.90 -8.44
CA ASN A 243 5.48 14.58 -8.94
C ASN A 243 4.15 14.22 -8.30
N VAL A 244 3.10 14.27 -9.11
CA VAL A 244 1.72 14.04 -8.66
C VAL A 244 1.31 12.60 -9.05
N ASN A 245 2.13 11.99 -9.87
CA ASN A 245 1.90 10.64 -10.35
C ASN A 245 1.89 9.64 -9.18
N ASP A 246 2.71 9.91 -8.18
CA ASP A 246 2.95 8.94 -7.12
C ASP A 246 2.17 9.23 -5.84
N SER A 247 1.24 10.18 -5.90
CA SER A 247 0.36 10.37 -4.78
C SER A 247 -0.59 9.17 -4.66
N VAL A 248 -1.14 8.98 -3.47
CA VAL A 248 -1.93 7.80 -3.20
C VAL A 248 -3.23 7.89 -3.97
N THR A 249 -3.88 9.05 -3.88
CA THR A 249 -5.17 9.28 -4.52
C THR A 249 -5.07 9.23 -6.05
N LYS A 250 -4.01 9.76 -6.61
CA LYS A 250 -3.85 9.73 -8.06
C LYS A 250 -3.55 8.30 -8.53
N SER A 251 -2.61 7.64 -7.87
CA SER A 251 -2.23 6.31 -8.31
C SER A 251 -3.33 5.27 -8.10
N LYS A 252 -4.10 5.37 -7.03
CA LYS A 252 -5.14 4.37 -6.78
C LYS A 252 -6.23 4.51 -7.84
N PHE A 253 -6.61 5.75 -8.13
CA PHE A 253 -7.66 6.00 -9.11
C PHE A 253 -7.26 5.75 -10.54
N ASP A 254 -6.06 6.18 -10.88
CA ASP A 254 -5.56 6.05 -12.24
C ASP A 254 -5.22 4.62 -12.55
N ASN A 255 -4.75 3.88 -11.55
CA ASN A 255 -4.28 2.52 -11.79
C ASN A 255 -5.35 1.47 -11.46
N LEU A 256 -5.75 1.45 -10.19
CA LEU A 256 -6.64 0.41 -9.68
C LEU A 256 -8.11 0.64 -10.04
N TYR A 257 -8.68 1.74 -9.55
CA TYR A 257 -10.13 1.97 -9.74
C TYR A 257 -10.54 2.28 -11.19
N GLY A 258 -9.69 3.01 -11.91
CA GLY A 258 -9.99 3.40 -13.27
C GLY A 258 -10.09 2.21 -14.20
N CYS A 259 -9.12 1.31 -14.09
CA CYS A 259 -9.06 0.12 -14.92
C CYS A 259 -10.09 -0.94 -14.49
N ARG A 260 -10.37 -1.00 -13.20
CA ARG A 260 -11.45 -1.84 -12.69
C ARG A 260 -12.79 -1.44 -13.31
N GLU A 261 -13.01 -0.13 -13.40
CA GLU A 261 -14.26 0.40 -13.94
C GLU A 261 -14.44 0.16 -15.45
N SER A 262 -13.36 -0.19 -16.15
CA SER A 262 -13.30 -0.05 -17.62
C SER A 262 -12.84 -1.26 -18.41
N LEU A 263 -12.20 -2.23 -17.76
CA LEU A 263 -11.70 -3.40 -18.49
C LEU A 263 -12.84 -4.09 -19.19
N VAL A 264 -13.86 -4.49 -18.41
CA VAL A 264 -14.93 -5.33 -18.97
C VAL A 264 -15.75 -4.55 -20.01
N ASP A 265 -15.90 -3.26 -19.79
CA ASP A 265 -16.58 -2.40 -20.75
C ASP A 265 -15.91 -2.45 -22.14
N GLY A 266 -14.60 -2.37 -22.18
CA GLY A 266 -13.90 -2.45 -23.45
C GLY A 266 -14.05 -3.79 -24.11
N ILE A 267 -13.91 -4.85 -23.30
CA ILE A 267 -14.07 -6.21 -23.82
C ILE A 267 -15.48 -6.44 -24.39
N LYS A 268 -16.48 -5.91 -23.70
CA LYS A 268 -17.86 -6.11 -24.11
C LYS A 268 -18.22 -5.30 -25.34
N ARG A 269 -17.75 -4.06 -25.42
CA ARG A 269 -18.03 -3.24 -26.60
C ARG A 269 -17.45 -3.87 -27.84
N ALA A 270 -16.30 -4.51 -27.67
CA ALA A 270 -15.61 -5.14 -28.78
C ALA A 270 -16.23 -6.49 -29.20
N THR A 271 -16.73 -7.27 -28.24
CA THR A 271 -17.02 -8.69 -28.48
C THR A 271 -18.40 -9.13 -27.99
N ASP A 272 -18.97 -8.36 -27.09
CA ASP A 272 -20.25 -8.71 -26.47
C ASP A 272 -20.24 -10.08 -25.79
N VAL A 273 -19.05 -10.51 -25.38
CA VAL A 273 -18.85 -11.84 -24.82
C VAL A 273 -19.48 -11.99 -23.41
N MET A 274 -19.97 -13.20 -23.16
CA MET A 274 -20.30 -13.65 -21.79
C MET A 274 -19.04 -13.86 -20.99
N ILE A 275 -18.97 -13.21 -19.83
CA ILE A 275 -17.81 -13.29 -18.94
C ILE A 275 -17.94 -14.48 -17.96
N ALA A 276 -19.12 -14.66 -17.38
CA ALA A 276 -19.37 -15.73 -16.40
C ALA A 276 -18.97 -17.07 -16.99
N GLY A 277 -18.23 -17.85 -16.22
CA GLY A 277 -17.89 -19.23 -16.58
C GLY A 277 -16.63 -19.34 -17.40
N LYS A 278 -16.13 -18.22 -17.87
CA LYS A 278 -14.85 -18.19 -18.61
C LYS A 278 -13.66 -18.19 -17.66
N ILE A 279 -12.58 -18.82 -18.11
CA ILE A 279 -11.27 -18.65 -17.49
C ILE A 279 -10.64 -17.40 -18.10
N ALA A 280 -10.38 -16.42 -17.24
CA ALA A 280 -9.71 -15.20 -17.61
C ALA A 280 -8.37 -15.13 -16.88
N VAL A 281 -7.27 -15.03 -17.63
CA VAL A 281 -5.93 -14.85 -17.05
C VAL A 281 -5.47 -13.40 -17.14
N VAL A 282 -5.11 -12.86 -15.97
CA VAL A 282 -4.52 -11.55 -15.85
C VAL A 282 -3.00 -11.71 -15.56
N ALA A 283 -2.18 -11.23 -16.50
CA ALA A 283 -0.74 -11.13 -16.32
C ALA A 283 -0.41 -9.87 -15.53
N GLY A 284 0.12 -10.03 -14.32
CA GLY A 284 0.40 -8.90 -13.45
C GLY A 284 -0.65 -8.69 -12.40
N TYR A 285 -0.20 -8.50 -11.17
CA TYR A 285 -1.09 -8.26 -10.03
C TYR A 285 -0.57 -7.08 -9.21
N GLY A 286 -0.17 -6.04 -9.93
CA GLY A 286 0.01 -4.73 -9.33
C GLY A 286 -1.32 -4.03 -9.28
N ASP A 287 -1.30 -2.72 -9.26
CA ASP A 287 -2.52 -1.97 -9.12
C ASP A 287 -3.50 -2.18 -10.26
N VAL A 288 -3.02 -2.17 -11.49
CA VAL A 288 -3.89 -2.41 -12.64
C VAL A 288 -4.45 -3.85 -12.61
N GLY A 289 -3.56 -4.83 -12.49
CA GLY A 289 -3.98 -6.24 -12.44
C GLY A 289 -4.93 -6.55 -11.30
N LYS A 290 -4.74 -5.89 -10.17
CA LYS A 290 -5.61 -6.09 -9.01
C LYS A 290 -7.03 -5.68 -9.35
N GLY A 291 -7.15 -4.56 -10.05
CA GLY A 291 -8.46 -4.07 -10.44
C GLY A 291 -9.12 -4.95 -11.48
N CYS A 292 -8.32 -5.41 -12.44
CA CYS A 292 -8.79 -6.29 -13.50
C CYS A 292 -9.36 -7.58 -12.93
N ALA A 293 -8.59 -8.21 -12.06
CA ALA A 293 -8.98 -9.45 -11.44
C ALA A 293 -10.32 -9.26 -10.74
N GLN A 294 -10.45 -8.16 -10.03
CA GLN A 294 -11.62 -7.91 -9.19
C GLN A 294 -12.87 -7.72 -10.04
N SER A 295 -12.75 -6.99 -11.15
CA SER A 295 -13.91 -6.79 -12.02
C SER A 295 -14.35 -8.11 -12.70
N LEU A 296 -13.38 -8.92 -13.15
CA LEU A 296 -13.68 -10.18 -13.84
C LEU A 296 -14.38 -11.18 -12.92
N ARG A 297 -13.89 -11.26 -11.70
CA ARG A 297 -14.47 -12.10 -10.66
C ARG A 297 -15.88 -11.62 -10.29
N GLY A 298 -16.09 -10.33 -10.28
CA GLY A 298 -17.40 -9.77 -9.96
C GLY A 298 -18.51 -10.19 -10.95
N LEU A 299 -18.12 -10.75 -12.09
CA LEU A 299 -19.07 -11.18 -13.13
C LEU A 299 -19.11 -12.69 -13.29
N GLY A 300 -18.38 -13.40 -12.44
CA GLY A 300 -18.42 -14.87 -12.41
C GLY A 300 -17.43 -15.59 -13.30
N ALA A 301 -16.40 -14.89 -13.72
CA ALA A 301 -15.27 -15.54 -14.39
C ALA A 301 -14.44 -16.26 -13.34
N THR A 302 -13.80 -17.34 -13.76
CA THR A 302 -12.73 -17.96 -13.01
C THR A 302 -11.48 -17.20 -13.36
N VAL A 303 -10.84 -16.62 -12.35
CA VAL A 303 -9.69 -15.71 -12.56
C VAL A 303 -8.38 -16.31 -12.14
N TRP A 304 -7.47 -16.41 -13.11
CA TRP A 304 -6.09 -16.81 -12.89
C TRP A 304 -5.19 -15.59 -13.06
N VAL A 305 -4.05 -15.61 -12.37
CA VAL A 305 -3.11 -14.48 -12.36
C VAL A 305 -1.73 -15.04 -12.61
N THR A 306 -0.89 -14.30 -13.33
CA THR A 306 0.51 -14.64 -13.46
C THR A 306 1.31 -13.52 -12.80
N GLU A 307 2.48 -13.84 -12.28
CA GLU A 307 3.32 -12.86 -11.58
C GLU A 307 4.76 -13.33 -11.50
N ILE A 308 5.65 -12.37 -11.44
CA ILE A 308 7.08 -12.61 -11.21
C ILE A 308 7.51 -12.14 -9.80
N ASP A 309 6.67 -11.30 -9.18
CA ASP A 309 6.88 -10.81 -7.81
C ASP A 309 6.11 -11.69 -6.79
N PRO A 310 6.84 -12.34 -5.87
CA PRO A 310 6.22 -13.33 -4.98
C PRO A 310 5.28 -12.72 -3.93
N ILE A 311 5.49 -11.45 -3.59
CA ILE A 311 4.62 -10.77 -2.68
C ILE A 311 3.25 -10.56 -3.34
N CYS A 312 3.29 -10.09 -4.59
CA CYS A 312 2.08 -9.88 -5.39
C CYS A 312 1.34 -11.17 -5.67
N ALA A 313 2.10 -12.21 -5.97
CA ALA A 313 1.56 -13.54 -6.21
C ALA A 313 0.82 -14.04 -4.94
N LEU A 314 1.40 -13.77 -3.78
CA LEU A 314 0.84 -14.19 -2.52
C LEU A 314 -0.42 -13.36 -2.20
N GLN A 315 -0.41 -12.09 -2.54
CA GLN A 315 -1.65 -11.29 -2.44
C GLN A 315 -2.79 -11.90 -3.28
N ALA A 316 -2.48 -12.26 -4.52
CA ALA A 316 -3.47 -12.80 -5.45
C ALA A 316 -4.06 -14.11 -4.87
N ALA A 317 -3.17 -14.95 -4.34
CA ALA A 317 -3.52 -16.26 -3.79
C ALA A 317 -4.42 -16.14 -2.58
N MET A 318 -4.17 -15.12 -1.76
CA MET A 318 -4.98 -14.89 -0.57
C MET A 318 -6.38 -14.38 -0.89
N GLU A 319 -6.63 -14.08 -2.18
CA GLU A 319 -7.96 -13.61 -2.63
C GLU A 319 -8.65 -14.75 -3.35
N GLY A 320 -7.98 -15.87 -3.40
CA GLY A 320 -8.58 -17.09 -3.93
C GLY A 320 -8.28 -17.31 -5.40
N TYR A 321 -7.43 -16.46 -5.96
CA TYR A 321 -7.00 -16.61 -7.35
C TYR A 321 -5.89 -17.63 -7.49
N ARG A 322 -5.96 -18.41 -8.56
CA ARG A 322 -4.92 -19.35 -8.88
C ARG A 322 -3.80 -18.57 -9.59
N VAL A 323 -2.56 -18.83 -9.17
CA VAL A 323 -1.39 -18.16 -9.72
C VAL A 323 -0.70 -19.17 -10.60
N VAL A 324 -0.60 -18.83 -11.88
CA VAL A 324 -0.13 -19.77 -12.90
C VAL A 324 0.90 -19.11 -13.80
N THR A 325 1.58 -19.93 -14.59
CA THR A 325 2.44 -19.43 -15.66
C THR A 325 1.59 -19.20 -16.92
N MET A 326 2.08 -18.31 -17.78
CA MET A 326 1.43 -18.07 -19.07
C MET A 326 1.56 -19.30 -19.96
N GLU A 327 2.62 -20.08 -19.79
CA GLU A 327 2.73 -21.35 -20.52
C GLU A 327 1.59 -22.29 -20.14
N TYR A 328 1.24 -22.30 -18.85
CA TYR A 328 0.20 -23.17 -18.36
C TYR A 328 -1.16 -22.66 -18.86
N ALA A 329 -1.32 -21.35 -18.81
CA ALA A 329 -2.61 -20.69 -19.13
C ALA A 329 -2.93 -20.70 -20.63
N ALA A 330 -1.90 -20.71 -21.45
CA ALA A 330 -2.01 -20.37 -22.87
C ALA A 330 -3.03 -21.25 -23.63
N ASP A 331 -3.06 -22.56 -23.34
CA ASP A 331 -3.97 -23.44 -24.07
C ASP A 331 -5.26 -23.71 -23.30
N LYS A 332 -5.49 -22.94 -22.24
CA LYS A 332 -6.62 -23.19 -21.36
C LYS A 332 -7.60 -22.02 -21.23
N ALA A 333 -7.07 -20.82 -21.19
CA ALA A 333 -7.88 -19.63 -20.88
C ALA A 333 -8.67 -19.16 -22.08
N ASP A 334 -9.76 -18.44 -21.78
CA ASP A 334 -10.66 -17.89 -22.79
C ASP A 334 -10.38 -16.43 -23.05
N ILE A 335 -9.89 -15.77 -22.02
CA ILE A 335 -9.66 -14.32 -22.02
C ILE A 335 -8.30 -14.06 -21.40
N PHE A 336 -7.50 -13.26 -22.10
CA PHE A 336 -6.14 -12.90 -21.68
C PHE A 336 -6.05 -11.41 -21.57
N VAL A 337 -5.61 -10.92 -20.42
CA VAL A 337 -5.45 -9.51 -20.15
C VAL A 337 -4.03 -9.28 -19.62
N THR A 338 -3.28 -8.41 -20.30
CA THR A 338 -1.91 -8.07 -19.91
C THR A 338 -1.88 -6.75 -19.12
N ALA A 339 -1.25 -6.79 -17.94
CA ALA A 339 -1.21 -5.66 -17.01
C ALA A 339 0.14 -5.56 -16.29
N THR A 340 1.20 -5.93 -16.99
CA THR A 340 2.54 -6.09 -16.41
C THR A 340 3.47 -4.86 -16.55
N GLY A 341 3.21 -4.02 -17.54
CA GLY A 341 4.13 -2.95 -17.91
C GLY A 341 5.41 -3.47 -18.55
N ASN A 342 5.46 -4.77 -18.84
CA ASN A 342 6.64 -5.43 -19.39
C ASN A 342 6.51 -5.81 -20.88
N TYR A 343 7.49 -6.58 -21.35
CA TYR A 343 7.71 -6.84 -22.76
C TYR A 343 7.42 -8.29 -23.12
N HIS A 344 6.49 -8.46 -24.05
CA HIS A 344 6.18 -9.77 -24.62
C HIS A 344 5.79 -10.78 -23.58
N VAL A 345 4.85 -10.40 -22.72
CA VAL A 345 4.38 -11.35 -21.71
C VAL A 345 3.37 -12.31 -22.35
N ILE A 346 2.73 -11.86 -23.43
CA ILE A 346 2.05 -12.78 -24.34
C ILE A 346 2.84 -12.82 -25.66
N ASN A 347 3.46 -13.97 -25.90
CA ASN A 347 4.35 -14.16 -27.04
C ASN A 347 3.80 -15.11 -28.09
N HIS A 348 4.54 -15.19 -29.20
CA HIS A 348 4.13 -15.93 -30.38
C HIS A 348 3.64 -17.33 -30.01
N ASP A 349 4.43 -18.04 -29.22
CA ASP A 349 4.12 -19.45 -28.91
C ASP A 349 2.90 -19.59 -27.99
N HIS A 350 2.63 -18.55 -27.21
CA HIS A 350 1.45 -18.55 -26.36
C HIS A 350 0.19 -18.53 -27.24
N MET A 351 0.17 -17.59 -28.18
CA MET A 351 -0.97 -17.40 -29.07
C MET A 351 -1.19 -18.59 -29.97
N LYS A 352 -0.11 -19.23 -30.34
CA LYS A 352 -0.15 -20.43 -31.16
C LYS A 352 -0.80 -21.59 -30.44
N ALA A 353 -0.72 -21.57 -29.11
CA ALA A 353 -1.27 -22.64 -28.26
C ALA A 353 -2.70 -22.32 -27.84
N MET A 354 -3.11 -21.10 -28.13
CA MET A 354 -4.44 -20.65 -27.72
C MET A 354 -5.57 -21.39 -28.38
N ARG A 355 -6.62 -21.44 -27.60
CA ARG A 355 -7.94 -21.88 -27.98
C ARG A 355 -8.54 -20.98 -29.06
N HIS A 356 -9.31 -21.62 -29.92
CA HIS A 356 -9.97 -20.94 -31.02
C HIS A 356 -10.91 -19.89 -30.48
N ASN A 357 -10.71 -18.66 -30.96
CA ASN A 357 -11.48 -17.48 -30.56
C ASN A 357 -11.21 -17.00 -29.13
N ALA A 358 -10.08 -17.40 -28.57
CA ALA A 358 -9.54 -16.76 -27.37
C ALA A 358 -9.52 -15.28 -27.66
N ILE A 359 -9.79 -14.46 -26.64
CA ILE A 359 -9.73 -13.02 -26.74
C ILE A 359 -8.47 -12.54 -26.01
N VAL A 360 -7.70 -11.70 -26.71
CA VAL A 360 -6.43 -11.18 -26.23
C VAL A 360 -6.44 -9.66 -26.21
N CYS A 361 -6.13 -9.11 -25.04
CA CYS A 361 -6.06 -7.67 -24.90
C CYS A 361 -5.02 -7.21 -23.87
N ASN A 362 -4.83 -5.90 -23.88
CA ASN A 362 -3.78 -5.25 -23.12
C ASN A 362 -4.33 -4.03 -22.47
N ILE A 363 -4.07 -3.90 -21.17
CA ILE A 363 -4.52 -2.74 -20.40
C ILE A 363 -3.32 -2.16 -19.64
N GLY A 364 -2.13 -2.66 -19.96
CA GLY A 364 -0.90 -2.24 -19.32
C GLY A 364 -0.13 -1.12 -19.98
N HIS A 365 1.08 -1.44 -20.42
CA HIS A 365 1.90 -0.47 -21.15
C HIS A 365 1.33 -0.27 -22.56
N PHE A 366 1.51 0.93 -23.12
CA PHE A 366 0.75 1.26 -24.32
CA PHE A 366 0.87 1.36 -24.37
C PHE A 366 1.07 0.33 -25.48
N ASP A 367 2.21 -0.33 -25.46
CA ASP A 367 2.41 -1.41 -26.40
C ASP A 367 3.47 -2.40 -26.00
N SER A 368 3.55 -3.44 -26.82
CA SER A 368 4.55 -4.48 -26.70
C SER A 368 4.42 -5.44 -25.50
N GLU A 369 3.31 -5.36 -24.76
CA GLU A 369 3.01 -6.40 -23.76
C GLU A 369 2.72 -7.68 -24.51
N ILE A 370 2.01 -7.55 -25.62
CA ILE A 370 1.74 -8.65 -26.57
C ILE A 370 2.67 -8.54 -27.79
N ASP A 371 3.25 -9.66 -28.20
CA ASP A 371 4.05 -9.69 -29.43
C ASP A 371 3.14 -9.75 -30.67
N VAL A 372 2.46 -8.65 -30.93
CA VAL A 372 1.59 -8.52 -32.09
C VAL A 372 2.43 -8.59 -33.39
N ALA A 373 3.62 -8.00 -33.36
CA ALA A 373 4.51 -7.99 -34.54
C ALA A 373 4.75 -9.39 -35.09
N SER A 374 4.88 -10.36 -34.20
CA SER A 374 5.22 -11.73 -34.60
C SER A 374 4.00 -12.45 -35.19
N THR A 375 2.83 -11.83 -35.12
CA THR A 375 1.64 -12.42 -35.72
C THR A 375 1.35 -11.81 -37.10
N ARG A 376 2.07 -10.75 -37.43
CA ARG A 376 1.82 -10.01 -38.67
C ARG A 376 2.10 -10.84 -39.91
N GLN A 377 2.82 -11.94 -39.75
CA GLN A 377 3.15 -12.83 -40.89
C GLN A 377 2.01 -13.78 -41.23
N TYR A 378 0.97 -13.75 -40.40
CA TYR A 378 -0.19 -14.62 -40.56
C TYR A 378 -1.33 -13.78 -41.07
N GLN A 379 -2.27 -14.45 -41.72
CA GLN A 379 -3.48 -13.80 -42.16
C GLN A 379 -4.19 -13.09 -41.02
N TRP A 380 -4.61 -11.86 -41.28
CA TRP A 380 -5.55 -11.16 -40.43
C TRP A 380 -6.84 -10.89 -41.21
N GLU A 381 -7.92 -10.79 -40.45
CA GLU A 381 -9.21 -10.40 -40.96
C GLU A 381 -9.89 -9.47 -39.97
N ASN A 382 -10.10 -8.22 -40.36
CA ASN A 382 -10.78 -7.26 -39.48
C ASN A 382 -12.21 -7.70 -39.23
N ILE A 383 -12.64 -7.54 -37.98
CA ILE A 383 -13.99 -7.91 -37.56
C ILE A 383 -14.78 -6.62 -37.50
N LYS A 384 -14.16 -5.60 -36.92
CA LYS A 384 -14.70 -4.26 -36.87
C LYS A 384 -13.61 -3.38 -36.31
N PRO A 385 -13.86 -2.09 -36.19
CA PRO A 385 -12.76 -1.26 -35.70
C PRO A 385 -12.24 -1.70 -34.33
N GLN A 386 -10.91 -1.80 -34.24
CA GLN A 386 -10.18 -2.22 -33.04
C GLN A 386 -10.42 -3.68 -32.68
N VAL A 387 -10.97 -4.45 -33.60
CA VAL A 387 -11.14 -5.90 -33.38
C VAL A 387 -10.73 -6.69 -34.62
N ASP A 388 -9.77 -7.59 -34.42
CA ASP A 388 -9.18 -8.37 -35.51
C ASP A 388 -9.03 -9.83 -35.19
N HIS A 389 -9.33 -10.66 -36.20
CA HIS A 389 -9.01 -12.09 -36.22
C HIS A 389 -7.60 -12.31 -36.74
N ILE A 390 -6.84 -13.13 -36.03
CA ILE A 390 -5.57 -13.57 -36.51
C ILE A 390 -5.72 -15.08 -36.73
N ILE A 391 -5.33 -15.52 -37.93
CA ILE A 391 -5.53 -16.88 -38.37
C ILE A 391 -4.19 -17.55 -38.43
N PHE A 392 -4.01 -18.54 -37.59
CA PHE A 392 -2.73 -19.26 -37.50
C PHE A 392 -2.61 -20.35 -38.58
N PRO A 393 -1.37 -20.80 -38.83
CA PRO A 393 -1.04 -21.76 -39.89
C PRO A 393 -1.93 -22.98 -39.92
N ASP A 394 -2.63 -23.22 -38.82
CA ASP A 394 -3.47 -24.41 -38.74
C ASP A 394 -4.96 -24.05 -38.80
N GLY A 395 -5.28 -22.76 -38.97
CA GLY A 395 -6.68 -22.33 -39.12
C GLY A 395 -7.35 -21.85 -37.82
N LYS A 396 -6.66 -22.06 -36.71
CA LYS A 396 -7.09 -21.58 -35.41
C LYS A 396 -6.94 -20.09 -35.38
N ARG A 397 -8.01 -19.43 -34.94
CA ARG A 397 -8.06 -18.00 -34.85
C ARG A 397 -8.08 -17.52 -33.40
N VAL A 398 -7.48 -16.36 -33.23
CA VAL A 398 -7.45 -15.61 -32.00
C VAL A 398 -8.10 -14.24 -32.28
N ILE A 399 -8.83 -13.71 -31.31
CA ILE A 399 -9.39 -12.36 -31.41
C ILE A 399 -8.56 -11.37 -30.60
N LEU A 400 -7.97 -10.41 -31.30
CA LEU A 400 -7.11 -9.40 -30.71
C LEU A 400 -7.79 -8.06 -30.68
N LEU A 401 -7.71 -7.40 -29.54
CA LEU A 401 -8.34 -6.10 -29.36
C LEU A 401 -7.32 -4.96 -29.42
N ALA A 402 -7.75 -3.88 -30.06
CA ALA A 402 -7.00 -2.62 -30.23
C ALA A 402 -5.60 -2.81 -30.80
N GLU A 403 -5.40 -3.90 -31.51
CA GLU A 403 -4.10 -4.28 -32.06
C GLU A 403 -3.04 -4.33 -30.97
N GLY A 404 -3.44 -4.68 -29.76
CA GLY A 404 -2.48 -4.92 -28.71
C GLY A 404 -2.15 -3.64 -27.98
N ARG A 405 -2.82 -2.57 -28.36
CA ARG A 405 -2.78 -1.31 -27.62
C ARG A 405 -3.79 -1.33 -26.50
N LEU A 406 -4.01 -0.20 -25.85
CA LEU A 406 -4.81 -0.16 -24.62
C LEU A 406 -6.31 -0.38 -24.90
N VAL A 407 -6.84 -1.48 -24.38
CA VAL A 407 -8.23 -1.86 -24.61
C VAL A 407 -9.23 -0.85 -24.05
N ASN A 408 -8.90 -0.29 -22.90
CA ASN A 408 -9.80 0.67 -22.27
C ASN A 408 -9.89 2.00 -23.03
N LEU A 409 -8.89 2.33 -23.81
CA LEU A 409 -8.90 3.57 -24.60
C LEU A 409 -9.30 3.28 -26.04
N GLY A 410 -8.98 2.09 -26.55
CA GLY A 410 -9.27 1.74 -27.93
C GLY A 410 -10.67 1.20 -28.16
N CYS A 411 -11.18 0.42 -27.19
CA CYS A 411 -12.51 -0.19 -27.30
C CYS A 411 -13.55 0.37 -26.35
N ALA A 412 -13.11 1.14 -25.36
CA ALA A 412 -14.05 1.88 -24.49
C ALA A 412 -13.66 3.33 -24.56
N THR A 413 -13.86 4.11 -23.49
CA THR A 413 -13.63 5.55 -23.56
C THR A 413 -12.67 6.07 -22.48
N GLY A 414 -11.79 5.18 -21.99
CA GLY A 414 -10.88 5.57 -20.92
C GLY A 414 -11.59 5.78 -19.59
N HIS A 415 -10.91 6.47 -18.69
CA HIS A 415 -11.35 6.54 -17.29
C HIS A 415 -12.56 7.43 -17.15
N PRO A 416 -13.46 7.07 -16.23
CA PRO A 416 -14.58 7.93 -15.98
C PRO A 416 -14.16 9.20 -15.28
N SER A 417 -15.08 10.14 -15.26
CA SER A 417 -14.79 11.50 -14.81
C SER A 417 -14.42 11.55 -13.34
N PHE A 418 -15.03 10.71 -12.53
CA PHE A 418 -14.71 10.68 -11.10
C PHE A 418 -13.25 10.33 -10.88
N VAL A 419 -12.73 9.42 -11.71
CA VAL A 419 -11.32 9.03 -11.64
C VAL A 419 -10.43 10.24 -12.03
N MET A 420 -10.77 10.87 -13.14
CA MET A 420 -9.98 11.97 -13.65
C MET A 420 -10.06 13.14 -12.67
N SER A 421 -11.18 13.22 -11.97
CA SER A 421 -11.35 14.24 -10.95
C SER A 421 -10.30 14.12 -9.85
N ASN A 422 -9.94 12.89 -9.50
CA ASN A 422 -8.91 12.69 -8.48
C ASN A 422 -7.53 13.10 -9.01
N SER A 423 -7.22 12.74 -10.26
CA SER A 423 -5.94 13.15 -10.87
C SER A 423 -5.81 14.67 -10.94
N PHE A 424 -6.85 15.32 -11.46
CA PHE A 424 -6.81 16.74 -11.76
C PHE A 424 -6.91 17.60 -10.52
N THR A 425 -7.50 17.05 -9.47
CA THR A 425 -7.60 17.73 -8.16
C THR A 425 -6.21 17.74 -7.52
N ASN A 426 -5.45 16.67 -7.74
CA ASN A 426 -4.04 16.64 -7.40
C ASN A 426 -3.27 17.77 -8.11
N GLN A 427 -3.39 17.82 -9.43
CA GLN A 427 -2.72 18.83 -10.27
C GLN A 427 -3.06 20.24 -9.77
N THR A 428 -4.31 20.47 -9.38
CA THR A 428 -4.76 21.80 -8.95
C THR A 428 -4.17 22.21 -7.60
N LEU A 429 -4.17 21.30 -6.64
CA LEU A 429 -3.61 21.59 -5.32
C LEU A 429 -2.09 21.73 -5.46
N ALA A 430 -1.48 21.02 -6.40
CA ALA A 430 -0.04 21.17 -6.63
C ALA A 430 0.27 22.56 -7.24
N GLN A 431 -0.56 23.02 -8.18
CA GLN A 431 -0.41 24.34 -8.77
C GLN A 431 -0.55 25.42 -7.70
N ILE A 432 -1.55 25.27 -6.83
CA ILE A 432 -1.77 26.22 -5.76
C ILE A 432 -0.59 26.27 -4.81
N GLU A 433 -0.06 25.11 -4.45
CA GLU A 433 1.07 25.01 -3.53
C GLU A 433 2.37 25.62 -4.09
N LEU A 434 2.68 25.33 -5.34
CA LEU A 434 3.92 25.89 -5.92
C LEU A 434 3.77 27.39 -6.27
N PHE A 435 2.59 27.82 -6.68
CA PHE A 435 2.43 29.22 -7.08
C PHE A 435 2.48 30.07 -5.83
N THR A 436 1.99 29.46 -4.76
CA THR A 436 1.61 30.19 -3.58
C THR A 436 2.71 30.07 -2.50
N ARG A 437 3.42 28.94 -2.46
CA ARG A 437 4.44 28.71 -1.43
C ARG A 437 5.70 28.08 -2.02
N GLY A 438 5.89 28.25 -3.32
CA GLY A 438 6.96 27.56 -4.02
C GLY A 438 8.33 28.02 -3.56
N GLY A 439 8.35 29.17 -2.88
CA GLY A 439 9.59 29.70 -2.34
C GLY A 439 10.09 28.86 -1.17
N GLU A 440 9.21 28.02 -0.61
CA GLU A 440 9.58 27.15 0.49
C GLU A 440 10.24 25.90 -0.01
N TYR A 441 10.35 25.76 -1.33
CA TYR A 441 10.80 24.50 -1.93
C TYR A 441 12.07 24.71 -2.74
N ALA A 442 12.95 23.72 -2.74
CA ALA A 442 14.14 23.77 -3.55
C ALA A 442 13.85 23.42 -5.00
N ASN A 443 14.86 23.57 -5.87
CA ASN A 443 14.71 23.22 -7.27
C ASN A 443 14.92 21.73 -7.43
N LYS A 444 13.97 21.00 -6.87
CA LYS A 444 13.98 19.54 -6.87
C LYS A 444 12.61 18.97 -7.23
N VAL A 445 12.59 17.68 -7.54
CA VAL A 445 11.33 16.91 -7.67
C VAL A 445 10.84 16.46 -6.29
N TYR A 446 9.61 16.81 -6.00
CA TYR A 446 8.91 16.49 -4.76
C TYR A 446 7.63 15.72 -5.09
N VAL A 447 7.33 14.70 -4.29
CA VAL A 447 6.02 14.07 -4.36
C VAL A 447 5.11 14.99 -3.59
N LEU A 448 3.83 14.97 -3.93
CA LEU A 448 2.84 15.81 -3.27
C LEU A 448 2.86 15.51 -1.76
N PRO A 449 2.82 16.57 -0.92
CA PRO A 449 2.78 16.34 0.52
C PRO A 449 1.51 15.57 0.95
N LYS A 450 1.67 14.70 1.93
CA LYS A 450 0.58 13.84 2.36
C LYS A 450 -0.67 14.61 2.72
N HIS A 451 -0.52 15.80 3.32
CA HIS A 451 -1.70 16.57 3.74
C HIS A 451 -2.51 17.08 2.53
N LEU A 452 -1.86 17.20 1.39
CA LEU A 452 -2.58 17.63 0.19
C LEU A 452 -3.21 16.41 -0.52
N ASP A 453 -2.53 15.29 -0.43
CA ASP A 453 -3.05 14.00 -0.92
C ASP A 453 -4.32 13.65 -0.12
N GLU A 454 -4.25 13.81 1.21
CA GLU A 454 -5.44 13.64 2.05
C GLU A 454 -6.55 14.62 1.65
N LYS A 455 -6.17 15.86 1.35
CA LYS A 455 -7.17 16.86 0.96
C LYS A 455 -7.88 16.50 -0.34
N VAL A 456 -7.14 15.94 -1.28
CA VAL A 456 -7.74 15.42 -2.50
C VAL A 456 -8.87 14.43 -2.20
N ALA A 457 -8.57 13.43 -1.38
CA ALA A 457 -9.58 12.46 -0.93
C ALA A 457 -10.77 13.12 -0.26
N ARG A 458 -10.50 14.03 0.67
CA ARG A 458 -11.54 14.69 1.44
C ARG A 458 -12.53 15.46 0.55
N LEU A 459 -12.00 16.02 -0.55
CA LEU A 459 -12.79 16.84 -1.48
C LEU A 459 -13.78 15.98 -2.28
N HIS A 460 -13.61 14.67 -2.22
CA HIS A 460 -14.47 13.73 -2.97
C HIS A 460 -15.49 13.01 -2.11
N LEU A 461 -15.40 13.23 -0.81
CA LEU A 461 -16.24 12.52 0.16
C LEU A 461 -17.71 12.94 0.16
N ALA A 462 -17.99 14.21 0.01
CA ALA A 462 -19.37 14.70 0.11
C ALA A 462 -20.23 14.16 -1.04
N ARG A 463 -19.63 14.09 -2.23
CA ARG A 463 -20.31 13.57 -3.40
C ARG A 463 -20.88 12.18 -3.16
N ILE A 464 -20.08 11.34 -2.49
CA ILE A 464 -20.42 9.92 -2.34
C ILE A 464 -21.02 9.66 -0.97
N GLY A 465 -21.35 10.73 -0.27
CA GLY A 465 -22.07 10.63 0.99
C GLY A 465 -21.27 10.10 2.17
N ALA A 466 -19.94 10.03 2.04
CA ALA A 466 -19.08 9.58 3.13
C ALA A 466 -18.86 10.63 4.20
N GLN A 467 -19.21 10.29 5.44
CA GLN A 467 -19.05 11.17 6.61
C GLN A 467 -17.75 10.92 7.35
N LEU A 468 -16.83 11.87 7.20
CA LEU A 468 -15.53 11.79 7.85
C LEU A 468 -15.69 12.18 9.31
N SER A 469 -15.05 11.43 10.19
CA SER A 469 -15.08 11.72 11.62
C SER A 469 -13.91 12.61 11.95
N GLU A 470 -13.91 13.14 13.18
CA GLU A 470 -12.86 14.05 13.67
C GLU A 470 -12.24 13.54 14.94
N LEU A 471 -10.91 13.57 15.01
CA LEU A 471 -10.21 13.25 16.25
C LEU A 471 -10.46 14.34 17.27
N SER A 472 -10.63 13.91 18.53
CA SER A 472 -10.54 14.85 19.65
C SER A 472 -9.06 15.14 19.92
N ASP A 473 -8.79 16.13 20.75
CA ASP A 473 -7.42 16.46 21.14
C ASP A 473 -6.72 15.28 21.79
N ASP A 474 -7.43 14.61 22.70
CA ASP A 474 -6.86 13.45 23.40
C ASP A 474 -6.52 12.31 22.42
N GLN A 475 -7.38 12.13 21.44
CA GLN A 475 -7.19 11.04 20.47
C GLN A 475 -6.05 11.32 19.50
N ALA A 476 -5.91 12.58 19.10
CA ALA A 476 -4.82 13.01 18.24
C ALA A 476 -3.49 12.81 18.96
N ALA A 477 -3.46 13.16 20.24
CA ALA A 477 -2.24 12.98 21.05
C ALA A 477 -1.99 11.49 21.23
N TYR A 478 -3.06 10.76 21.47
CA TYR A 478 -2.95 9.32 21.74
C TYR A 478 -2.24 8.58 20.61
N ILE A 479 -2.53 8.94 19.36
CA ILE A 479 -1.93 8.24 18.22
C ILE A 479 -0.85 9.07 17.55
N GLY A 480 -0.64 10.30 18.04
CA GLY A 480 0.57 11.05 17.72
C GLY A 480 0.48 11.85 16.43
N VAL A 481 -0.69 12.40 16.16
CA VAL A 481 -0.89 13.16 14.94
C VAL A 481 -1.55 14.48 15.27
N SER A 482 -1.53 15.39 14.32
CA SER A 482 -2.39 16.57 14.41
C SER A 482 -3.80 16.23 13.99
N LYS A 483 -4.76 16.89 14.62
CA LYS A 483 -6.19 16.76 14.26
C LYS A 483 -6.44 17.03 12.79
N ALA A 484 -5.55 17.82 12.21
CA ALA A 484 -5.74 18.33 10.84
C ALA A 484 -5.01 17.44 9.87
N GLY A 485 -4.30 16.46 10.41
CA GLY A 485 -3.43 15.60 9.59
C GLY A 485 -2.08 16.24 9.37
N PRO A 486 -1.19 15.56 8.63
CA PRO A 486 -1.40 14.23 8.07
C PRO A 486 -1.58 13.16 9.14
N PHE A 487 -2.26 12.07 8.76
CA PHE A 487 -2.72 11.06 9.71
C PHE A 487 -1.88 9.79 9.72
N LYS A 488 -1.03 9.64 8.71
CA LYS A 488 -0.22 8.46 8.57
C LYS A 488 1.23 8.85 8.32
N PRO A 489 2.16 7.94 8.66
CA PRO A 489 3.57 8.19 8.37
C PRO A 489 3.87 8.04 6.89
N ASP A 490 5.01 8.55 6.46
CA ASP A 490 5.32 8.60 5.03
C ASP A 490 5.42 7.23 4.41
N HIS A 491 5.77 6.25 5.21
CA HIS A 491 5.98 4.90 4.69
C HIS A 491 4.67 4.08 4.59
N TYR A 492 3.57 4.69 5.03
CA TYR A 492 2.28 3.97 5.10
C TYR A 492 1.80 3.56 3.70
N ARG A 493 1.41 2.31 3.58
CA ARG A 493 1.04 1.71 2.29
C ARG A 493 -0.44 1.70 1.91
N TYR A 494 -1.30 2.00 2.86
CA TYR A 494 -2.75 1.97 2.66
C TYR A 494 -3.23 0.62 2.11
N GLN B 33 18.27 -29.08 36.16
CA GLN B 33 17.20 -28.71 35.17
C GLN B 33 17.29 -27.26 34.73
N ASP B 34 17.86 -27.09 33.55
CA ASP B 34 18.01 -25.77 32.94
C ASP B 34 16.74 -25.45 32.16
N TYR B 35 15.65 -25.35 32.90
CA TYR B 35 14.38 -24.93 32.36
C TYR B 35 13.40 -24.74 33.49
N VAL B 36 12.34 -23.99 33.22
CA VAL B 36 11.21 -23.93 34.12
C VAL B 36 9.91 -23.90 33.32
N VAL B 37 9.21 -25.03 33.38
CA VAL B 37 7.92 -25.19 32.71
C VAL B 37 6.88 -25.76 33.67
N ALA B 38 5.63 -25.79 33.22
CA ALA B 38 4.52 -26.25 34.06
C ALA B 38 4.64 -27.75 34.36
N ASP B 39 4.91 -28.54 33.33
CA ASP B 39 4.82 -30.01 33.43
C ASP B 39 5.47 -30.71 32.24
N ILE B 40 6.63 -31.28 32.46
CA ILE B 40 7.39 -31.93 31.39
C ILE B 40 6.65 -33.14 30.80
N ALA B 41 5.53 -33.52 31.44
CA ALA B 41 4.82 -34.75 31.05
C ALA B 41 3.97 -34.47 29.80
N LEU B 42 3.77 -33.19 29.55
CA LEU B 42 2.92 -32.69 28.48
C LEU B 42 3.63 -32.75 27.12
N ALA B 43 4.88 -33.22 27.14
CA ALA B 43 5.76 -33.15 25.98
C ALA B 43 5.25 -33.91 24.75
N GLY B 44 4.61 -35.05 24.97
CA GLY B 44 4.23 -35.93 23.86
C GLY B 44 3.06 -35.33 23.12
N TRP B 45 2.14 -34.78 23.90
CA TRP B 45 1.01 -34.02 23.39
C TRP B 45 1.53 -32.85 22.53
N GLY B 46 2.50 -32.11 23.08
CA GLY B 46 3.06 -30.95 22.40
C GLY B 46 3.70 -31.34 21.09
N ARG B 47 4.39 -32.47 21.07
CA ARG B 47 5.08 -32.97 19.87
C ARG B 47 4.07 -33.32 18.75
N LYS B 48 2.94 -33.88 19.17
CA LYS B 48 1.86 -34.21 18.22
C LYS B 48 1.30 -32.96 17.53
N GLU B 49 1.09 -31.91 18.32
CA GLU B 49 0.60 -30.63 17.81
C GLU B 49 1.65 -29.89 16.98
N LEU B 50 2.92 -30.02 17.35
CA LEU B 50 4.01 -29.42 16.57
C LEU B 50 4.07 -30.06 15.20
N ASN B 51 3.84 -31.37 15.15
CA ASN B 51 3.86 -32.12 13.90
C ASN B 51 2.72 -31.71 12.96
N ILE B 52 1.60 -31.31 13.54
CA ILE B 52 0.45 -30.86 12.76
C ILE B 52 0.77 -29.47 12.25
N ALA B 53 1.20 -28.60 13.15
CA ALA B 53 1.44 -27.18 12.84
C ALA B 53 2.44 -27.01 11.70
N GLU B 54 3.41 -27.91 11.63
CA GLU B 54 4.47 -27.81 10.62
C GLU B 54 3.95 -27.78 9.17
N THR B 55 2.84 -28.48 8.95
CA THR B 55 2.32 -28.57 7.61
C THR B 55 1.68 -27.23 7.22
N GLU B 56 1.26 -26.46 8.22
CA GLU B 56 0.64 -25.16 8.01
C GLU B 56 1.65 -24.00 8.12
N MET B 57 2.92 -24.35 8.25
CA MET B 57 3.98 -23.36 8.40
C MET B 57 5.14 -23.64 7.45
N PRO B 58 4.85 -23.63 6.13
CA PRO B 58 5.78 -24.00 5.07
C PRO B 58 7.02 -23.09 4.92
N GLY B 59 6.89 -21.85 5.36
CA GLY B 59 8.03 -20.95 5.29
C GLY B 59 9.15 -21.42 6.20
N LEU B 60 8.78 -21.80 7.42
CA LEU B 60 9.77 -22.26 8.41
C LEU B 60 10.38 -23.58 7.98
N VAL B 61 9.54 -24.51 7.55
CA VAL B 61 9.99 -25.84 7.16
C VAL B 61 10.83 -25.80 5.89
N GLN B 62 10.42 -25.00 4.93
CA GLN B 62 11.19 -24.89 3.71
C GLN B 62 12.55 -24.21 3.96
N ILE B 63 12.60 -23.30 4.93
CA ILE B 63 13.89 -22.70 5.35
C ILE B 63 14.82 -23.78 5.90
N ARG B 64 14.27 -24.72 6.67
CA ARG B 64 15.07 -25.78 7.28
C ARG B 64 15.78 -26.56 6.20
N ASP B 65 15.06 -26.80 5.11
CA ASP B 65 15.53 -27.69 4.05
C ASP B 65 16.57 -26.95 3.20
N GLU B 66 16.31 -25.66 2.97
CA GLU B 66 17.12 -24.87 2.06
C GLU B 66 18.50 -24.48 2.61
N TYR B 67 18.59 -24.32 3.93
CA TYR B 67 19.81 -23.83 4.59
C TYR B 67 20.46 -24.91 5.42
N LYS B 68 20.01 -26.14 5.22
CA LYS B 68 20.47 -27.28 6.01
C LYS B 68 21.99 -27.40 5.93
N ALA B 69 22.46 -27.47 4.70
CA ALA B 69 23.86 -27.73 4.41
C ALA B 69 24.74 -26.61 4.97
N GLN B 70 24.30 -25.37 4.76
CA GLN B 70 25.11 -24.19 5.09
C GLN B 70 25.22 -23.95 6.60
N GLN B 71 24.25 -24.45 7.36
CA GLN B 71 24.13 -24.13 8.79
C GLN B 71 24.50 -22.67 9.12
N PRO B 72 23.72 -21.71 8.59
CA PRO B 72 24.13 -20.31 8.68
C PRO B 72 24.12 -19.77 10.10
N LEU B 73 23.47 -20.48 11.02
CA LEU B 73 23.30 -19.98 12.38
C LEU B 73 24.21 -20.73 13.34
N LYS B 74 25.14 -21.51 12.79
CA LYS B 74 26.18 -22.14 13.61
C LYS B 74 27.06 -21.06 14.28
N GLY B 75 27.10 -21.08 15.60
CA GLY B 75 27.85 -20.10 16.35
C GLY B 75 26.95 -19.03 16.94
N ALA B 76 25.67 -19.10 16.57
CA ALA B 76 24.67 -18.18 17.09
C ALA B 76 24.13 -18.71 18.40
N ARG B 77 24.00 -17.79 19.36
CA ARG B 77 23.42 -18.07 20.64
C ARG B 77 22.28 -17.09 20.87
N ILE B 78 21.07 -17.58 20.65
CA ILE B 78 19.90 -16.73 20.56
C ILE B 78 19.11 -16.76 21.84
N ALA B 79 18.95 -15.56 22.40
CA ALA B 79 18.02 -15.31 23.47
C ALA B 79 16.69 -14.85 22.85
N GLY B 80 15.67 -15.70 22.99
CA GLY B 80 14.34 -15.41 22.47
C GLY B 80 13.33 -15.13 23.53
N SER B 81 12.54 -14.10 23.31
CA SER B 81 11.44 -13.68 24.19
C SER B 81 10.19 -13.47 23.32
N LEU B 82 9.38 -14.53 23.25
CA LEU B 82 8.25 -14.62 22.34
C LEU B 82 7.28 -15.67 22.84
N HIS B 83 5.99 -15.30 22.89
CA HIS B 83 4.87 -16.21 23.21
C HIS B 83 5.22 -17.66 22.94
N MET B 84 5.25 -18.44 24.03
CA MET B 84 5.72 -19.80 23.96
C MET B 84 4.55 -20.72 23.61
N THR B 85 4.20 -20.68 22.33
CA THR B 85 3.11 -21.46 21.77
C THR B 85 3.64 -22.57 20.87
N ILE B 86 2.73 -23.36 20.32
CA ILE B 86 3.12 -24.44 19.38
C ILE B 86 3.81 -23.84 18.14
N GLN B 87 3.30 -22.69 17.69
CA GLN B 87 3.85 -22.04 16.50
C GLN B 87 5.23 -21.52 16.75
N THR B 88 5.43 -20.94 17.92
CA THR B 88 6.76 -20.47 18.29
C THR B 88 7.72 -21.64 18.42
N GLY B 89 7.18 -22.80 18.82
CA GLY B 89 7.99 -24.01 18.91
C GLY B 89 8.56 -24.40 17.56
N VAL B 90 7.77 -24.17 16.49
CA VAL B 90 8.20 -24.50 15.13
C VAL B 90 9.33 -23.54 14.72
N LEU B 91 9.20 -22.28 15.12
CA LEU B 91 10.26 -21.30 14.86
C LEU B 91 11.55 -21.74 15.59
N ILE B 92 11.41 -22.12 16.86
CA ILE B 92 12.58 -22.49 17.69
C ILE B 92 13.35 -23.65 17.05
N GLU B 93 12.63 -24.64 16.57
CA GLU B 93 13.29 -25.81 16.03
C GLU B 93 13.84 -25.56 14.64
N THR B 94 13.34 -24.51 14.00
CA THR B 94 13.89 -24.05 12.71
C THR B 94 15.26 -23.39 12.97
N LEU B 95 15.33 -22.57 14.01
CA LEU B 95 16.56 -21.89 14.37
C LEU B 95 17.62 -22.91 14.73
N LYS B 96 17.22 -23.94 15.47
CA LYS B 96 18.13 -25.04 15.83
C LYS B 96 18.56 -25.86 14.63
N ALA B 97 17.62 -26.15 13.72
CA ALA B 97 17.96 -26.92 12.52
C ALA B 97 18.95 -26.16 11.64
N LEU B 98 19.08 -24.86 11.86
CA LEU B 98 19.98 -24.04 11.05
C LEU B 98 21.33 -23.87 11.76
N GLY B 99 21.45 -24.42 12.97
CA GLY B 99 22.71 -24.46 13.69
C GLY B 99 22.71 -23.69 15.00
N ALA B 100 21.65 -22.93 15.24
CA ALA B 100 21.59 -22.06 16.41
C ALA B 100 21.55 -22.85 17.71
N ASP B 101 22.13 -22.25 18.74
CA ASP B 101 21.93 -22.65 20.12
C ASP B 101 20.98 -21.62 20.71
N VAL B 102 20.01 -22.07 21.50
CA VAL B 102 18.87 -21.25 21.84
C VAL B 102 18.39 -21.40 23.28
N ARG B 103 17.99 -20.28 23.88
CA ARG B 103 17.31 -20.30 25.20
C ARG B 103 16.08 -19.41 25.12
N TRP B 104 14.97 -19.84 25.70
CA TRP B 104 13.70 -19.17 25.43
C TRP B 104 12.88 -18.82 26.66
N ALA B 105 12.18 -17.70 26.55
CA ALA B 105 11.17 -17.25 27.49
C ALA B 105 9.96 -16.73 26.71
N SER B 106 8.82 -16.61 27.40
CA SER B 106 7.62 -15.99 26.82
C SER B 106 7.71 -14.47 26.96
N CYS B 107 6.98 -13.74 26.12
CA CYS B 107 6.91 -12.28 26.21
C CYS B 107 5.61 -11.85 26.91
N ASN B 108 4.89 -12.84 27.43
CA ASN B 108 3.62 -12.61 28.14
C ASN B 108 3.36 -13.68 29.18
N ILE B 109 2.83 -13.27 30.32
CA ILE B 109 2.65 -14.18 31.47
C ILE B 109 1.57 -15.25 31.25
N PHE B 110 0.65 -15.00 30.31
CA PHE B 110 -0.50 -15.89 30.10
C PHE B 110 -0.54 -16.61 28.74
N SER B 111 0.38 -16.29 27.84
CA SER B 111 0.28 -16.75 26.44
C SER B 111 0.89 -18.12 26.22
N THR B 112 1.65 -18.59 27.19
CA THR B 112 2.33 -19.87 27.07
C THR B 112 1.38 -21.07 26.97
N GLN B 113 1.68 -21.95 26.02
CA GLN B 113 1.06 -23.26 25.93
C GLN B 113 2.02 -24.27 26.51
N ASP B 114 1.61 -24.86 27.64
CA ASP B 114 2.52 -25.65 28.49
C ASP B 114 2.98 -26.91 27.79
N HIS B 115 2.13 -27.45 26.92
CA HIS B 115 2.56 -28.66 26.17
C HIS B 115 3.62 -28.32 25.13
N ALA B 116 3.55 -27.09 24.63
CA ALA B 116 4.51 -26.58 23.65
C ALA B 116 5.86 -26.41 24.36
N ALA B 117 5.83 -25.72 25.49
CA ALA B 117 7.02 -25.51 26.32
C ALA B 117 7.69 -26.85 26.62
N ALA B 118 6.88 -27.83 27.01
CA ALA B 118 7.37 -29.17 27.38
C ALA B 118 8.05 -29.89 26.23
N ALA B 119 7.41 -29.88 25.07
CA ALA B 119 7.95 -30.57 23.89
C ALA B 119 9.29 -29.96 23.46
N ILE B 120 9.41 -28.64 23.61
CA ILE B 120 10.59 -27.91 23.18
C ILE B 120 11.72 -28.22 24.17
N VAL B 121 11.39 -28.25 25.46
CA VAL B 121 12.39 -28.65 26.47
C VAL B 121 12.85 -30.09 26.24
N GLU B 122 11.90 -31.00 26.06
CA GLU B 122 12.23 -32.41 25.86
C GLU B 122 13.13 -32.60 24.65
N ALA B 123 13.03 -31.69 23.68
CA ALA B 123 13.83 -31.79 22.44
C ALA B 123 15.16 -31.06 22.60
N GLY B 124 15.38 -30.51 23.79
CA GLY B 124 16.72 -30.07 24.15
C GLY B 124 16.95 -28.57 24.23
N THR B 125 15.86 -27.80 24.33
CA THR B 125 16.00 -26.34 24.44
C THR B 125 15.58 -25.84 25.83
N PRO B 126 16.47 -25.10 26.51
CA PRO B 126 16.01 -24.45 27.73
C PRO B 126 14.85 -23.50 27.50
N VAL B 127 13.77 -23.68 28.26
CA VAL B 127 12.63 -22.80 28.19
C VAL B 127 12.25 -22.34 29.58
N PHE B 128 11.88 -21.07 29.70
CA PHE B 128 11.49 -20.47 30.98
C PHE B 128 10.16 -19.78 30.82
N ALA B 129 9.12 -20.62 30.84
CA ALA B 129 7.76 -20.18 30.57
C ALA B 129 6.72 -21.18 31.02
N PHE B 130 5.70 -20.65 31.68
CA PHE B 130 4.50 -21.41 31.91
C PHE B 130 3.34 -20.46 31.97
N LYS B 131 2.17 -20.99 31.63
CA LYS B 131 0.98 -20.18 31.63
C LYS B 131 0.57 -19.82 33.05
N GLY B 132 0.33 -18.53 33.24
CA GLY B 132 -0.14 -17.99 34.51
C GLY B 132 0.98 -17.65 35.48
N GLU B 133 2.22 -17.68 35.00
CA GLU B 133 3.37 -17.27 35.81
C GLU B 133 3.19 -15.83 36.29
N SER B 134 3.86 -15.47 37.39
CA SER B 134 3.83 -14.08 37.89
C SER B 134 4.81 -13.15 37.21
N LEU B 135 4.62 -11.88 37.52
CA LEU B 135 5.50 -10.83 37.01
C LEU B 135 6.90 -10.97 37.57
N ASP B 136 7.03 -11.51 38.78
CA ASP B 136 8.34 -11.71 39.33
C ASP B 136 9.01 -12.83 38.58
N GLU B 137 8.24 -13.88 38.31
CA GLU B 137 8.79 -15.05 37.59
C GLU B 137 9.09 -14.67 36.15
N TYR B 138 8.28 -13.78 35.61
CA TYR B 138 8.43 -13.32 34.23
C TYR B 138 9.81 -12.70 34.00
N TRP B 139 10.10 -11.69 34.81
CA TRP B 139 11.37 -10.97 34.72
C TRP B 139 12.58 -11.83 35.04
N GLU B 140 12.40 -12.77 35.96
CA GLU B 140 13.48 -13.71 36.31
C GLU B 140 13.81 -14.58 35.09
N PHE B 141 12.75 -15.01 34.42
CA PHE B 141 12.87 -15.87 33.24
C PHE B 141 13.54 -15.12 32.10
N SER B 142 13.30 -13.81 32.06
CA SER B 142 13.97 -12.94 31.08
C SER B 142 15.50 -12.84 31.27
N HIS B 143 15.94 -13.01 32.53
CA HIS B 143 17.39 -13.06 32.87
C HIS B 143 17.96 -14.40 32.47
N ARG B 144 17.18 -15.45 32.67
CA ARG B 144 17.64 -16.83 32.42
C ARG B 144 18.01 -17.09 30.97
N ILE B 145 17.36 -16.37 30.05
CA ILE B 145 17.69 -16.52 28.62
C ILE B 145 19.06 -15.90 28.30
N PHE B 146 19.53 -15.07 29.23
CA PHE B 146 20.86 -14.44 29.11
C PHE B 146 21.96 -15.10 29.98
N GLU B 147 21.64 -16.21 30.64
CA GLU B 147 22.61 -16.96 31.46
C GLU B 147 23.02 -18.26 30.78
N TRP B 148 24.13 -18.23 30.08
CA TRP B 148 24.56 -19.36 29.29
C TRP B 148 25.66 -20.12 30.01
N PRO B 149 25.68 -21.45 29.84
CA PRO B 149 26.71 -22.27 30.47
C PRO B 149 28.05 -22.28 29.73
N ASN B 150 29.10 -22.65 30.46
CA ASN B 150 30.43 -22.81 29.89
C ASN B 150 31.09 -21.48 29.55
N GLY B 151 30.69 -20.44 30.26
CA GLY B 151 31.30 -19.12 30.13
C GLY B 151 30.93 -18.39 28.85
N GLU B 152 29.94 -18.94 28.13
CA GLU B 152 29.41 -18.33 26.90
C GLU B 152 28.33 -17.30 27.15
N PHE B 153 28.09 -16.49 26.13
CA PHE B 153 27.10 -15.41 26.18
C PHE B 153 26.17 -15.44 24.96
N ALA B 154 24.93 -15.00 25.16
CA ALA B 154 24.03 -14.74 24.03
C ALA B 154 24.71 -13.71 23.12
N ASN B 155 24.62 -13.92 21.81
CA ASN B 155 25.08 -12.95 20.81
C ASN B 155 23.99 -12.44 19.84
N MET B 156 22.76 -12.94 20.02
CA MET B 156 21.59 -12.50 19.22
C MET B 156 20.35 -12.45 20.11
N ILE B 157 19.51 -11.42 19.91
CA ILE B 157 18.19 -11.38 20.52
C ILE B 157 17.06 -11.47 19.44
N LEU B 158 16.11 -12.36 19.70
CA LEU B 158 14.88 -12.47 18.94
C LEU B 158 13.76 -12.07 19.88
N ASP B 159 13.17 -10.92 19.61
CA ASP B 159 12.33 -10.24 20.58
C ASP B 159 10.93 -9.99 20.02
N ASP B 160 9.96 -9.99 20.93
CA ASP B 160 8.59 -9.58 20.65
C ASP B 160 8.10 -8.67 21.76
N GLY B 161 8.00 -7.38 21.49
CA GLY B 161 7.57 -6.43 22.51
C GLY B 161 8.73 -5.68 23.14
N GLY B 162 9.94 -6.23 23.00
CA GLY B 162 11.18 -5.53 23.38
C GLY B 162 11.65 -5.65 24.83
N ASP B 163 11.03 -6.57 25.57
CA ASP B 163 11.35 -6.74 27.02
C ASP B 163 12.75 -7.27 27.25
N ALA B 164 13.18 -8.20 26.40
CA ALA B 164 14.51 -8.78 26.49
C ALA B 164 15.56 -7.71 26.22
N THR B 165 15.27 -6.86 25.25
CA THR B 165 16.19 -5.79 24.84
C THR B 165 16.24 -4.75 25.96
N LEU B 166 15.06 -4.38 26.44
CA LEU B 166 14.92 -3.40 27.51
C LEU B 166 15.69 -3.82 28.77
N LEU B 167 15.67 -5.12 29.08
CA LEU B 167 16.21 -5.59 30.34
C LEU B 167 17.69 -5.21 30.36
N LEU B 168 18.37 -5.53 29.26
CA LEU B 168 19.81 -5.37 29.16
C LEU B 168 20.20 -3.91 29.11
N ILE B 169 19.38 -3.11 28.42
CA ILE B 169 19.66 -1.69 28.20
C ILE B 169 19.39 -0.89 29.46
N LEU B 170 18.27 -1.18 30.12
CA LEU B 170 17.90 -0.50 31.36
C LEU B 170 18.85 -0.88 32.47
N GLY B 171 19.03 -2.19 32.60
CA GLY B 171 19.89 -2.77 33.60
C GLY B 171 21.31 -2.25 33.50
N SER B 172 21.79 -2.06 32.28
CA SER B 172 23.15 -1.56 32.05
C SER B 172 23.29 -0.13 32.54
N LYS B 173 22.25 0.65 32.33
CA LYS B 173 22.26 2.04 32.74
C LYS B 173 22.15 2.13 34.26
N ALA B 174 21.42 1.18 34.82
CA ALA B 174 21.17 1.12 36.26
C ALA B 174 22.45 0.79 37.03
N GLU B 175 23.43 0.24 36.34
CA GLU B 175 24.71 -0.09 36.96
C GLU B 175 25.43 1.18 37.44
N LYS B 176 25.23 2.27 36.72
CA LYS B 176 25.97 3.51 36.92
C LYS B 176 25.04 4.62 37.33
N ASP B 177 23.78 4.25 37.56
CA ASP B 177 22.74 5.21 37.88
C ASP B 177 21.47 4.52 38.36
N ARG B 178 21.42 4.28 39.67
CA ARG B 178 20.35 3.48 40.29
C ARG B 178 19.03 4.22 40.30
N SER B 179 19.04 5.44 39.77
CA SER B 179 17.87 6.32 39.83
C SER B 179 16.83 5.89 38.78
N VAL B 180 17.33 5.27 37.72
CA VAL B 180 16.48 4.85 36.60
C VAL B 180 15.54 3.71 37.00
N ILE B 181 15.92 2.98 38.04
CA ILE B 181 15.11 1.86 38.55
C ILE B 181 14.60 2.17 39.95
N ALA B 182 14.32 3.45 40.19
CA ALA B 182 13.97 3.94 41.52
C ALA B 182 12.49 4.33 41.66
N ARG B 183 11.88 4.82 40.59
CA ARG B 183 10.51 5.33 40.69
C ARG B 183 9.52 4.56 39.81
N PRO B 184 9.08 3.37 40.28
CA PRO B 184 8.15 2.50 39.53
C PRO B 184 6.69 2.96 39.52
N THR B 185 6.25 3.33 38.33
CA THR B 185 4.89 3.77 38.02
C THR B 185 3.83 2.72 38.27
N ASN B 186 4.29 1.48 38.39
CA ASN B 186 3.59 0.40 37.71
C ASN B 186 3.96 -0.98 38.25
N GLU B 187 2.98 -1.86 38.27
CA GLU B 187 3.16 -3.17 38.89
C GLU B 187 4.21 -3.99 38.12
N GLU B 188 4.33 -3.68 36.84
CA GLU B 188 5.27 -4.40 35.98
C GLU B 188 6.67 -3.86 36.20
N GLU B 189 6.73 -2.56 36.48
CA GLU B 189 8.01 -1.89 36.75
C GLU B 189 8.51 -2.29 38.12
N VAL B 190 7.58 -2.45 39.05
CA VAL B 190 7.93 -2.90 40.40
C VAL B 190 8.69 -4.22 40.31
N ALA B 191 8.20 -5.11 39.46
CA ALA B 191 8.78 -6.44 39.32
C ALA B 191 10.11 -6.35 38.55
N LEU B 192 10.13 -5.50 37.53
CA LEU B 192 11.30 -5.35 36.66
C LEU B 192 12.46 -4.78 37.46
N PHE B 193 12.18 -3.69 38.16
CA PHE B 193 13.19 -2.97 38.96
C PHE B 193 13.75 -3.84 40.08
N LYS B 194 12.89 -4.65 40.69
CA LYS B 194 13.33 -5.53 41.77
C LYS B 194 14.33 -6.52 41.24
N SER B 195 14.09 -7.01 40.03
CA SER B 195 14.88 -8.12 39.47
C SER B 195 16.25 -7.61 39.06
N ILE B 196 16.28 -6.31 38.75
CA ILE B 196 17.52 -5.65 38.30
C ILE B 196 18.37 -5.41 39.54
N GLU B 197 17.71 -4.91 40.57
CA GLU B 197 18.35 -4.65 41.86
C GLU B 197 18.90 -5.95 42.43
N ARG B 198 18.17 -7.04 42.22
CA ARG B 198 18.56 -8.32 42.77
C ARG B 198 19.79 -8.89 42.07
N HIS B 199 19.92 -8.58 40.80
CA HIS B 199 21.02 -9.11 39.98
C HIS B 199 22.24 -8.22 40.10
N LEU B 200 21.99 -6.95 40.37
CA LEU B 200 23.07 -5.98 40.57
C LEU B 200 23.89 -6.40 41.78
N GLU B 201 23.21 -6.94 42.79
CA GLU B 201 23.85 -7.45 44.02
C GLU B 201 24.77 -8.63 43.73
N ILE B 202 24.37 -9.50 42.81
CA ILE B 202 25.22 -10.63 42.43
C ILE B 202 26.43 -10.15 41.61
N ASP B 203 26.19 -9.18 40.74
CA ASP B 203 27.24 -8.68 39.84
C ASP B 203 26.89 -7.27 39.37
N GLY B 204 27.76 -6.33 39.74
CA GLY B 204 27.47 -4.91 39.54
C GLY B 204 27.52 -4.55 38.08
N SER B 205 28.00 -5.49 37.28
CA SER B 205 28.11 -5.29 35.83
C SER B 205 27.53 -6.50 35.07
N TRP B 206 26.42 -7.01 35.61
CA TRP B 206 25.70 -8.18 35.10
C TRP B 206 25.24 -7.97 33.63
N TYR B 207 24.67 -6.80 33.38
CA TYR B 207 23.99 -6.46 32.13
C TYR B 207 24.98 -6.02 31.05
N SER B 208 25.82 -5.09 31.48
CA SER B 208 26.97 -4.57 30.74
C SER B 208 27.76 -5.63 30.01
N LYS B 209 28.19 -6.62 30.77
CA LYS B 209 29.03 -7.71 30.23
C LYS B 209 28.26 -8.46 29.12
N ARG B 210 26.96 -8.59 29.32
CA ARG B 210 26.13 -9.37 28.41
C ARG B 210 25.75 -8.53 27.19
N LEU B 211 25.44 -7.27 27.45
CA LEU B 211 25.05 -6.36 26.38
C LEU B 211 26.13 -6.26 25.31
N ALA B 212 27.38 -6.34 25.72
CA ALA B 212 28.49 -6.06 24.81
C ALA B 212 28.64 -7.19 23.83
N HIS B 213 27.99 -8.32 24.14
CA HIS B 213 28.11 -9.52 23.28
C HIS B 213 27.04 -9.63 22.19
N ILE B 214 26.02 -8.79 22.27
CA ILE B 214 24.90 -8.83 21.32
C ILE B 214 25.30 -8.23 19.95
N LYS B 215 25.18 -9.04 18.90
CA LYS B 215 25.54 -8.65 17.55
C LYS B 215 24.34 -8.04 16.81
N GLY B 216 23.15 -8.26 17.37
CA GLY B 216 21.90 -7.90 16.71
C GLY B 216 20.62 -8.29 17.43
N VAL B 217 19.59 -7.50 17.16
CA VAL B 217 18.22 -7.76 17.60
C VAL B 217 17.26 -7.77 16.40
N THR B 218 16.29 -8.68 16.46
CA THR B 218 15.17 -8.70 15.53
C THR B 218 13.86 -8.57 16.33
N GLU B 219 13.06 -7.59 15.94
CA GLU B 219 11.86 -7.21 16.66
C GLU B 219 10.65 -7.14 15.73
N GLU B 220 9.52 -7.67 16.20
CA GLU B 220 8.35 -7.84 15.32
C GLU B 220 7.07 -7.10 15.70
N THR B 221 7.11 -6.31 16.77
CA THR B 221 5.90 -5.61 17.21
C THR B 221 6.08 -4.11 17.21
N THR B 222 4.96 -3.41 17.18
CA THR B 222 4.92 -1.94 17.10
C THR B 222 5.61 -1.30 18.29
N THR B 223 5.23 -1.79 19.46
CA THR B 223 5.79 -1.35 20.73
C THR B 223 7.31 -1.56 20.81
N GLY B 224 7.76 -2.75 20.45
CA GLY B 224 9.19 -3.04 20.45
C GLY B 224 9.95 -2.16 19.47
N VAL B 225 9.35 -1.91 18.32
CA VAL B 225 10.01 -1.15 17.25
C VAL B 225 10.08 0.35 17.64
N HIS B 226 9.05 0.84 18.31
CA HIS B 226 9.07 2.20 18.83
C HIS B 226 10.20 2.36 19.84
N ARG B 227 10.37 1.38 20.71
CA ARG B 227 11.43 1.45 21.72
C ARG B 227 12.79 1.49 21.07
N LEU B 228 12.99 0.69 20.03
CA LEU B 228 14.26 0.65 19.29
C LEU B 228 14.57 1.99 18.62
N TYR B 229 13.56 2.63 18.04
CA TYR B 229 13.74 3.87 17.29
C TYR B 229 14.08 4.98 18.28
N GLN B 230 13.57 4.86 19.50
CA GLN B 230 13.81 5.84 20.54
C GLN B 230 15.26 5.70 21.08
N MET B 231 15.73 4.45 21.23
CA MET B 231 17.12 4.19 21.59
C MET B 231 18.06 4.73 20.53
N GLU B 232 17.69 4.54 19.27
CA GLU B 232 18.51 4.98 18.16
C GLU B 232 18.62 6.52 18.22
N LYS B 233 17.49 7.17 18.50
CA LYS B 233 17.44 8.61 18.51
C LYS B 233 18.31 9.18 19.64
N ASP B 234 18.40 8.43 20.74
CA ASP B 234 19.14 8.83 21.94
C ASP B 234 20.60 8.39 21.84
N GLY B 235 20.95 7.71 20.76
CA GLY B 235 22.31 7.17 20.59
C GLY B 235 22.63 5.99 21.49
N ARG B 236 21.57 5.33 22.00
CA ARG B 236 21.70 4.23 22.95
C ARG B 236 21.57 2.82 22.36
N LEU B 237 21.72 2.71 21.05
CA LEU B 237 21.63 1.42 20.35
C LEU B 237 23.03 0.95 19.90
N PRO B 238 23.58 -0.08 20.55
CA PRO B 238 24.96 -0.50 20.34
C PRO B 238 25.13 -1.63 19.31
N PHE B 239 24.03 -1.95 18.65
CA PHE B 239 24.02 -2.99 17.62
C PHE B 239 22.91 -2.70 16.59
N PRO B 240 23.05 -3.26 15.39
CA PRO B 240 21.98 -3.18 14.37
C PRO B 240 20.72 -3.92 14.81
N ALA B 241 19.58 -3.28 14.56
CA ALA B 241 18.27 -3.87 14.83
C ALA B 241 17.47 -3.97 13.52
N PHE B 242 16.82 -5.12 13.34
CA PHE B 242 15.84 -5.29 12.25
C PHE B 242 14.43 -5.12 12.77
N ASN B 243 13.75 -4.19 12.12
CA ASN B 243 12.32 -3.94 12.27
C ASN B 243 11.57 -4.82 11.28
N VAL B 244 10.94 -5.85 11.81
CA VAL B 244 10.29 -6.88 10.99
C VAL B 244 8.78 -6.63 11.00
N ASN B 245 8.37 -5.72 11.87
CA ASN B 245 6.97 -5.31 11.98
C ASN B 245 6.45 -4.70 10.70
N ASP B 246 7.32 -3.98 10.01
CA ASP B 246 6.91 -3.14 8.89
C ASP B 246 7.22 -3.78 7.55
N SER B 247 7.65 -5.03 7.57
CA SER B 247 7.80 -5.71 6.32
C SER B 247 6.39 -5.94 5.74
N VAL B 248 6.32 -6.09 4.41
CA VAL B 248 5.04 -6.20 3.75
C VAL B 248 4.36 -7.51 4.12
N THR B 249 5.12 -8.60 4.09
CA THR B 249 4.60 -9.92 4.41
C THR B 249 4.14 -10.04 5.86
N LYS B 250 4.86 -9.40 6.77
CA LYS B 250 4.53 -9.49 8.16
C LYS B 250 3.28 -8.67 8.40
N SER B 251 3.28 -7.44 7.95
CA SER B 251 2.16 -6.55 8.26
C SER B 251 0.85 -7.04 7.62
N LYS B 252 0.92 -7.52 6.39
CA LYS B 252 -0.28 -7.99 5.71
C LYS B 252 -0.90 -9.17 6.41
N PHE B 253 -0.07 -10.11 6.83
CA PHE B 253 -0.60 -11.33 7.43
C PHE B 253 -1.06 -11.09 8.85
N ASP B 254 -0.27 -10.35 9.59
CA ASP B 254 -0.54 -10.05 10.99
C ASP B 254 -1.73 -9.10 11.15
N ASN B 255 -1.85 -8.14 10.24
CA ASN B 255 -2.88 -7.11 10.36
C ASN B 255 -4.14 -7.45 9.56
N LEU B 256 -3.96 -7.68 8.26
CA LEU B 256 -5.11 -7.82 7.36
C LEU B 256 -5.68 -9.25 7.36
N TYR B 257 -4.90 -10.19 6.85
CA TYR B 257 -5.36 -11.57 6.62
C TYR B 257 -5.67 -12.31 7.93
N GLY B 258 -4.86 -12.08 8.95
CA GLY B 258 -5.02 -12.72 10.26
C GLY B 258 -6.33 -12.34 10.92
N CYS B 259 -6.65 -11.05 10.87
CA CYS B 259 -7.88 -10.56 11.51
C CYS B 259 -9.12 -10.88 10.65
N ARG B 260 -8.92 -10.94 9.35
CA ARG B 260 -9.98 -11.35 8.44
C ARG B 260 -10.37 -12.79 8.76
N GLU B 261 -9.35 -13.64 8.97
CA GLU B 261 -9.56 -15.04 9.24
C GLU B 261 -10.22 -15.32 10.58
N SER B 262 -10.18 -14.39 11.51
CA SER B 262 -10.51 -14.74 12.88
C SER B 262 -11.54 -13.86 13.59
N LEU B 263 -11.94 -12.74 12.98
CA LEU B 263 -12.92 -11.84 13.60
C LEU B 263 -14.25 -12.54 13.89
N VAL B 264 -14.85 -13.11 12.85
CA VAL B 264 -16.18 -13.70 12.96
C VAL B 264 -16.15 -14.95 13.82
N ASP B 265 -15.01 -15.64 13.78
CA ASP B 265 -14.77 -16.84 14.57
C ASP B 265 -14.99 -16.53 16.06
N GLY B 266 -14.34 -15.47 16.53
CA GLY B 266 -14.47 -15.00 17.89
C GLY B 266 -15.88 -14.62 18.24
N ILE B 267 -16.55 -13.93 17.33
CA ILE B 267 -17.91 -13.45 17.56
C ILE B 267 -18.87 -14.64 17.67
N LYS B 268 -18.64 -15.64 16.82
CA LYS B 268 -19.52 -16.81 16.79
C LYS B 268 -19.29 -17.76 17.99
N ARG B 269 -18.04 -17.95 18.39
CA ARG B 269 -17.77 -18.79 19.57
C ARG B 269 -18.45 -18.15 20.77
N ALA B 270 -18.36 -16.84 20.84
CA ALA B 270 -18.90 -16.07 21.94
C ALA B 270 -20.43 -16.02 21.96
N THR B 271 -21.06 -15.92 20.78
CA THR B 271 -22.50 -15.54 20.67
C THR B 271 -23.34 -16.42 19.75
N ASP B 272 -22.68 -17.21 18.91
CA ASP B 272 -23.32 -17.99 17.87
C ASP B 272 -24.32 -17.18 17.02
N VAL B 273 -24.08 -15.89 16.89
CA VAL B 273 -25.04 -15.01 16.24
C VAL B 273 -25.01 -15.16 14.71
N MET B 274 -26.19 -14.94 14.13
CA MET B 274 -26.38 -14.85 12.69
C MET B 274 -25.77 -13.54 12.24
N ILE B 275 -24.92 -13.60 11.23
CA ILE B 275 -24.25 -12.42 10.69
C ILE B 275 -25.02 -11.79 9.53
N ALA B 276 -25.53 -12.63 8.64
CA ALA B 276 -26.30 -12.13 7.48
C ALA B 276 -27.45 -11.24 7.91
N GLY B 277 -27.60 -10.13 7.21
CA GLY B 277 -28.72 -9.20 7.42
C GLY B 277 -28.51 -8.19 8.52
N LYS B 278 -27.44 -8.39 9.29
CA LYS B 278 -27.05 -7.46 10.34
C LYS B 278 -26.26 -6.27 9.80
N ILE B 279 -26.43 -5.13 10.46
CA ILE B 279 -25.56 -3.99 10.26
C ILE B 279 -24.41 -4.10 11.24
N ALA B 280 -23.20 -4.18 10.68
CA ALA B 280 -21.97 -4.23 11.43
C ALA B 280 -21.17 -2.99 11.09
N VAL B 281 -20.77 -2.25 12.11
CA VAL B 281 -19.90 -1.11 11.93
C VAL B 281 -18.46 -1.42 12.39
N VAL B 282 -17.51 -1.09 11.52
CA VAL B 282 -16.10 -1.25 11.81
C VAL B 282 -15.47 0.14 11.95
N ALA B 283 -14.97 0.42 13.14
CA ALA B 283 -14.27 1.68 13.41
C ALA B 283 -12.83 1.48 13.01
N GLY B 284 -12.40 2.20 11.98
CA GLY B 284 -11.06 2.05 11.43
C GLY B 284 -11.07 1.28 10.14
N TYR B 285 -10.39 1.80 9.14
CA TYR B 285 -10.27 1.13 7.86
C TYR B 285 -8.83 1.13 7.42
N GLY B 286 -7.96 0.79 8.36
CA GLY B 286 -6.57 0.46 8.09
C GLY B 286 -6.50 -1.01 7.77
N ASP B 287 -5.33 -1.59 7.93
CA ASP B 287 -5.15 -3.01 7.60
C ASP B 287 -6.16 -3.89 8.35
N VAL B 288 -6.28 -3.72 9.66
CA VAL B 288 -7.15 -4.55 10.46
C VAL B 288 -8.61 -4.36 10.04
N GLY B 289 -9.05 -3.11 9.97
CA GLY B 289 -10.41 -2.81 9.62
C GLY B 289 -10.77 -3.25 8.21
N LYS B 290 -9.80 -3.22 7.32
CA LYS B 290 -10.02 -3.65 5.95
C LYS B 290 -10.37 -5.15 5.96
N GLY B 291 -9.64 -5.92 6.75
CA GLY B 291 -9.87 -7.37 6.86
C GLY B 291 -11.20 -7.71 7.50
N CYS B 292 -11.54 -6.96 8.54
CA CYS B 292 -12.81 -7.12 9.23
C CYS B 292 -13.97 -6.87 8.31
N ALA B 293 -13.95 -5.74 7.62
CA ALA B 293 -15.05 -5.35 6.75
C ALA B 293 -15.25 -6.47 5.72
N GLN B 294 -14.16 -6.96 5.21
CA GLN B 294 -14.16 -7.98 4.18
C GLN B 294 -14.77 -9.31 4.67
N SER B 295 -14.40 -9.75 5.87
CA SER B 295 -15.00 -11.00 6.36
C SER B 295 -16.50 -10.85 6.69
N LEU B 296 -16.90 -9.69 7.21
CA LEU B 296 -18.29 -9.49 7.61
C LEU B 296 -19.23 -9.44 6.39
N ARG B 297 -18.74 -8.77 5.38
CA ARG B 297 -19.42 -8.66 4.13
C ARG B 297 -19.57 -10.01 3.44
N GLY B 298 -18.58 -10.87 3.65
CA GLY B 298 -18.55 -12.17 3.02
C GLY B 298 -19.65 -13.08 3.55
N LEU B 299 -20.26 -12.68 4.67
CA LEU B 299 -21.32 -13.49 5.28
C LEU B 299 -22.68 -12.80 5.21
N GLY B 300 -22.73 -11.69 4.48
CA GLY B 300 -23.99 -11.03 4.15
C GLY B 300 -24.41 -9.93 5.09
N ALA B 301 -23.49 -9.49 5.95
CA ALA B 301 -23.72 -8.28 6.73
C ALA B 301 -23.71 -7.06 5.82
N THR B 302 -24.48 -6.05 6.24
CA THR B 302 -24.34 -4.70 5.76
C THR B 302 -23.25 -4.05 6.58
N VAL B 303 -22.19 -3.62 5.91
CA VAL B 303 -20.99 -3.12 6.56
C VAL B 303 -20.85 -1.62 6.39
N TRP B 304 -20.80 -0.96 7.54
CA TRP B 304 -20.49 0.46 7.66
C TRP B 304 -19.15 0.60 8.30
N VAL B 305 -18.51 1.73 8.01
CA VAL B 305 -17.15 1.99 8.44
C VAL B 305 -17.09 3.40 8.99
N THR B 306 -16.30 3.60 10.04
CA THR B 306 -15.96 4.97 10.49
C THR B 306 -14.46 5.17 10.24
N GLU B 307 -14.08 6.42 9.99
CA GLU B 307 -12.70 6.79 9.72
C GLU B 307 -12.48 8.29 9.97
N ILE B 308 -11.23 8.61 10.28
CA ILE B 308 -10.76 9.98 10.44
C ILE B 308 -9.81 10.34 9.29
N ASP B 309 -9.37 9.35 8.55
CA ASP B 309 -8.41 9.54 7.46
C ASP B 309 -9.20 9.51 6.15
N PRO B 310 -9.27 10.66 5.44
CA PRO B 310 -10.10 10.73 4.23
C PRO B 310 -9.68 9.78 3.12
N ILE B 311 -8.41 9.40 3.11
CA ILE B 311 -7.91 8.49 2.12
C ILE B 311 -8.48 7.08 2.37
N CYS B 312 -8.45 6.68 3.64
CA CYS B 312 -8.93 5.38 4.04
C CYS B 312 -10.44 5.31 3.85
N ALA B 313 -11.09 6.40 4.21
CA ALA B 313 -12.55 6.58 4.00
C ALA B 313 -12.95 6.46 2.52
N LEU B 314 -12.20 7.09 1.61
CA LEU B 314 -12.46 6.96 0.18
C LEU B 314 -12.24 5.52 -0.30
N GLN B 315 -11.21 4.89 0.22
CA GLN B 315 -10.97 3.47 -0.05
C GLN B 315 -12.20 2.65 0.32
N ALA B 316 -12.74 2.88 1.50
CA ALA B 316 -13.90 2.10 1.94
C ALA B 316 -15.09 2.35 1.03
N ALA B 317 -15.32 3.62 0.68
CA ALA B 317 -16.42 4.01 -0.19
C ALA B 317 -16.33 3.33 -1.54
N MET B 318 -15.10 3.06 -1.99
CA MET B 318 -14.87 2.51 -3.33
C MET B 318 -15.12 0.99 -3.38
N GLU B 319 -15.26 0.39 -2.20
CA GLU B 319 -15.62 -1.02 -2.08
C GLU B 319 -17.09 -1.15 -1.74
N GLY B 320 -17.78 -0.03 -1.64
CA GLY B 320 -19.21 -0.05 -1.47
C GLY B 320 -19.72 0.01 -0.06
N TYR B 321 -18.83 0.29 0.90
CA TYR B 321 -19.20 0.52 2.30
C TYR B 321 -19.64 1.94 2.54
N ARG B 322 -20.71 2.12 3.31
CA ARG B 322 -21.08 3.45 3.76
C ARG B 322 -20.10 3.86 4.83
N VAL B 323 -19.61 5.09 4.71
CA VAL B 323 -18.75 5.69 5.72
C VAL B 323 -19.59 6.59 6.60
N VAL B 324 -19.63 6.21 7.87
CA VAL B 324 -20.50 6.88 8.82
C VAL B 324 -19.74 7.27 10.07
N THR B 325 -20.46 8.02 10.86
CA THR B 325 -20.01 8.51 12.14
C THR B 325 -20.44 7.49 13.21
N MET B 326 -19.65 7.33 14.26
CA MET B 326 -20.05 6.47 15.38
C MET B 326 -21.33 6.98 16.08
N GLU B 327 -21.56 8.28 16.03
CA GLU B 327 -22.78 8.85 16.62
C GLU B 327 -23.99 8.43 15.80
N TYR B 328 -23.81 8.44 14.49
CA TYR B 328 -24.87 8.00 13.59
C TYR B 328 -25.14 6.50 13.74
N ALA B 329 -24.08 5.72 13.88
CA ALA B 329 -24.18 4.25 13.96
C ALA B 329 -24.71 3.74 15.31
N ALA B 330 -24.47 4.53 16.36
CA ALA B 330 -24.65 4.06 17.75
C ALA B 330 -26.02 3.39 18.00
N ASP B 331 -27.06 3.97 17.45
CA ASP B 331 -28.41 3.49 17.76
C ASP B 331 -29.00 2.66 16.64
N LYS B 332 -28.16 2.30 15.68
CA LYS B 332 -28.61 1.60 14.47
C LYS B 332 -27.95 0.23 14.23
N ALA B 333 -26.68 0.11 14.55
CA ALA B 333 -25.93 -1.11 14.25
C ALA B 333 -26.19 -2.25 15.27
N ASP B 334 -25.95 -3.48 14.83
CA ASP B 334 -26.12 -4.70 15.62
C ASP B 334 -24.80 -5.24 16.17
N ILE B 335 -23.73 -4.91 15.45
CA ILE B 335 -22.40 -5.40 15.75
C ILE B 335 -21.47 -4.21 15.62
N PHE B 336 -20.65 -4.02 16.64
CA PHE B 336 -19.65 -2.97 16.71
C PHE B 336 -18.29 -3.61 16.86
N VAL B 337 -17.40 -3.30 15.93
CA VAL B 337 -16.01 -3.77 15.96
C VAL B 337 -15.06 -2.56 15.91
N THR B 338 -14.24 -2.43 16.94
CA THR B 338 -13.20 -1.38 16.96
C THR B 338 -11.85 -1.89 16.45
N ALA B 339 -11.32 -1.15 15.48
CA ALA B 339 -10.07 -1.51 14.82
C ALA B 339 -9.22 -0.25 14.55
N THR B 340 -9.27 0.71 15.47
CA THR B 340 -8.70 2.06 15.22
C THR B 340 -7.28 2.23 15.80
N GLY B 341 -6.95 1.43 16.80
CA GLY B 341 -5.74 1.64 17.58
C GLY B 341 -5.80 2.88 18.45
N ASN B 342 -6.99 3.48 18.53
CA ASN B 342 -7.18 4.75 19.25
C ASN B 342 -7.93 4.60 20.58
N TYR B 343 -8.37 5.74 21.10
CA TYR B 343 -8.82 5.83 22.48
C TYR B 343 -10.29 6.22 22.61
N HIS B 344 -11.05 5.33 23.23
CA HIS B 344 -12.49 5.55 23.46
C HIS B 344 -13.22 5.90 22.17
N VAL B 345 -13.07 5.05 21.18
CA VAL B 345 -13.78 5.25 19.91
C VAL B 345 -15.22 4.78 20.06
N ILE B 346 -15.45 3.85 20.98
CA ILE B 346 -16.79 3.60 21.51
C ILE B 346 -16.87 4.09 22.96
N ASN B 347 -17.64 5.14 23.18
CA ASN B 347 -17.77 5.71 24.52
C ASN B 347 -19.09 5.45 25.22
N HIS B 348 -19.21 6.02 26.42
CA HIS B 348 -20.31 5.72 27.34
C HIS B 348 -21.63 6.02 26.64
N ASP B 349 -21.66 7.18 26.00
CA ASP B 349 -22.89 7.66 25.38
C ASP B 349 -23.32 6.89 24.11
N HIS B 350 -22.34 6.32 23.40
CA HIS B 350 -22.62 5.40 22.29
C HIS B 350 -23.31 4.15 22.84
N MET B 351 -22.70 3.55 23.86
CA MET B 351 -23.26 2.30 24.42
C MET B 351 -24.66 2.51 24.95
N LYS B 352 -24.89 3.69 25.51
CA LYS B 352 -26.19 4.03 26.08
C LYS B 352 -27.27 4.17 24.99
N ALA B 353 -26.83 4.49 23.78
CA ALA B 353 -27.73 4.70 22.66
C ALA B 353 -27.95 3.39 21.93
N MET B 354 -27.20 2.37 22.31
CA MET B 354 -27.26 1.12 21.56
C MET B 354 -28.55 0.37 21.71
N ARG B 355 -28.77 -0.41 20.68
CA ARG B 355 -29.88 -1.31 20.57
C ARG B 355 -29.69 -2.45 21.55
N HIS B 356 -30.79 -2.94 22.10
CA HIS B 356 -30.77 -4.00 23.08
C HIS B 356 -30.11 -5.26 22.52
N ASN B 357 -29.12 -5.76 23.26
CA ASN B 357 -28.33 -6.90 22.88
C ASN B 357 -27.43 -6.71 21.64
N ALA B 358 -27.14 -5.45 21.32
CA ALA B 358 -26.02 -5.12 20.41
C ALA B 358 -24.77 -5.81 20.93
N ILE B 359 -23.97 -6.32 20.00
CA ILE B 359 -22.69 -6.90 20.33
C ILE B 359 -21.54 -5.91 20.09
N VAL B 360 -20.68 -5.78 21.09
CA VAL B 360 -19.58 -4.84 21.08
C VAL B 360 -18.27 -5.55 21.33
N CYS B 361 -17.31 -5.35 20.43
CA CYS B 361 -16.00 -5.97 20.56
C CYS B 361 -14.87 -5.13 19.95
N ASN B 362 -13.67 -5.53 20.31
CA ASN B 362 -12.44 -4.81 19.98
C ASN B 362 -11.44 -5.79 19.38
N ILE B 363 -10.91 -5.43 18.22
CA ILE B 363 -9.88 -6.25 17.57
C ILE B 363 -8.63 -5.40 17.28
N GLY B 364 -8.64 -4.19 17.82
CA GLY B 364 -7.60 -3.22 17.59
C GLY B 364 -6.52 -3.19 18.66
N HIS B 365 -6.45 -2.08 19.37
CA HIS B 365 -5.48 -1.97 20.45
C HIS B 365 -5.90 -2.79 21.68
N PHE B 366 -4.91 -3.35 22.38
CA PHE B 366 -5.12 -4.29 23.50
CA PHE B 366 -5.17 -4.33 23.45
C PHE B 366 -6.23 -3.84 24.45
N ASP B 367 -6.32 -2.53 24.66
CA ASP B 367 -7.41 -2.01 25.44
C ASP B 367 -7.73 -0.56 25.16
N SER B 368 -8.79 -0.11 25.82
CA SER B 368 -9.19 1.29 25.83
C SER B 368 -9.74 1.85 24.52
N GLU B 369 -9.99 0.99 23.52
CA GLU B 369 -10.77 1.41 22.33
C GLU B 369 -12.23 1.64 22.73
N ILE B 370 -12.71 0.80 23.63
CA ILE B 370 -14.04 0.94 24.24
C ILE B 370 -13.88 1.43 25.67
N ASP B 371 -14.67 2.41 26.06
CA ASP B 371 -14.70 2.90 27.45
C ASP B 371 -15.50 1.94 28.37
N VAL B 372 -14.88 0.82 28.66
CA VAL B 372 -15.49 -0.22 29.47
C VAL B 372 -15.63 0.30 30.90
N ALA B 373 -14.65 1.07 31.34
CA ALA B 373 -14.57 1.52 32.73
C ALA B 373 -15.79 2.37 33.08
N SER B 374 -16.36 3.01 32.08
CA SER B 374 -17.46 3.94 32.29
C SER B 374 -18.78 3.22 32.49
N THR B 375 -18.74 1.90 32.31
CA THR B 375 -19.94 1.08 32.43
C THR B 375 -19.91 0.24 33.71
N ARG B 376 -18.79 0.27 34.41
CA ARG B 376 -18.63 -0.49 35.64
C ARG B 376 -19.60 0.00 36.71
N GLN B 377 -20.10 1.22 36.52
CA GLN B 377 -21.09 1.82 37.40
C GLN B 377 -22.43 1.09 37.30
N TYR B 378 -22.60 0.32 36.22
CA TYR B 378 -23.85 -0.40 36.00
C TYR B 378 -23.71 -1.84 36.45
N GLN B 379 -24.84 -2.47 36.71
CA GLN B 379 -24.85 -3.90 36.95
C GLN B 379 -24.39 -4.66 35.70
N TRP B 380 -23.45 -5.58 35.90
CA TRP B 380 -23.04 -6.52 34.89
C TRP B 380 -23.57 -7.92 35.23
N GLU B 381 -23.81 -8.72 34.20
CA GLU B 381 -24.15 -10.10 34.39
C GLU B 381 -23.39 -10.95 33.40
N ASN B 382 -22.57 -11.86 33.92
CA ASN B 382 -21.81 -12.76 33.08
C ASN B 382 -22.76 -13.69 32.34
N ILE B 383 -22.49 -13.85 31.05
CA ILE B 383 -23.20 -14.79 30.20
C ILE B 383 -22.37 -16.07 30.18
N LYS B 384 -21.09 -15.89 29.94
CA LYS B 384 -20.13 -16.95 30.00
C LYS B 384 -18.71 -16.38 29.98
N PRO B 385 -17.71 -17.23 30.09
CA PRO B 385 -16.36 -16.66 30.08
C PRO B 385 -16.11 -15.79 28.83
N GLN B 386 -15.78 -14.52 29.10
CA GLN B 386 -15.42 -13.50 28.08
C GLN B 386 -16.64 -12.93 27.37
N VAL B 387 -17.82 -13.15 27.94
CA VAL B 387 -19.06 -12.63 27.38
C VAL B 387 -19.90 -12.12 28.53
N ASP B 388 -20.22 -10.83 28.51
CA ASP B 388 -20.87 -10.18 29.62
C ASP B 388 -21.99 -9.32 29.15
N HIS B 389 -23.06 -9.30 29.94
CA HIS B 389 -24.15 -8.36 29.76
C HIS B 389 -23.88 -7.13 30.60
N ILE B 390 -24.00 -5.97 29.98
CA ILE B 390 -23.99 -4.69 30.68
C ILE B 390 -25.41 -4.15 30.71
N ILE B 391 -25.93 -3.95 31.92
CA ILE B 391 -27.33 -3.61 32.13
C ILE B 391 -27.46 -2.14 32.41
N PHE B 392 -28.15 -1.44 31.53
CA PHE B 392 -28.36 -0.01 31.65
C PHE B 392 -29.61 0.25 32.48
N PRO B 393 -29.71 1.45 33.10
CA PRO B 393 -30.82 1.79 34.01
C PRO B 393 -32.21 1.52 33.43
N ASP B 394 -32.37 1.73 32.12
CA ASP B 394 -33.66 1.52 31.47
C ASP B 394 -33.89 0.06 31.11
N GLY B 395 -33.00 -0.82 31.56
CA GLY B 395 -33.12 -2.25 31.32
C GLY B 395 -32.56 -2.76 29.98
N LYS B 396 -32.19 -1.83 29.10
CA LYS B 396 -31.49 -2.17 27.86
C LYS B 396 -30.10 -2.75 28.13
N ARG B 397 -29.78 -3.85 27.45
CA ARG B 397 -28.49 -4.54 27.65
C ARG B 397 -27.61 -4.53 26.41
N VAL B 398 -26.31 -4.53 26.67
CA VAL B 398 -25.31 -4.64 25.63
C VAL B 398 -24.46 -5.87 25.92
N ILE B 399 -24.13 -6.61 24.86
CA ILE B 399 -23.25 -7.75 24.98
C ILE B 399 -21.83 -7.32 24.65
N LEU B 400 -20.94 -7.41 25.63
CA LEU B 400 -19.56 -7.00 25.47
C LEU B 400 -18.70 -8.22 25.46
N LEU B 401 -17.76 -8.26 24.53
CA LEU B 401 -16.89 -9.42 24.40
C LEU B 401 -15.48 -9.15 24.96
N ALA B 402 -14.95 -10.14 25.67
CA ALA B 402 -13.57 -10.16 26.19
C ALA B 402 -13.25 -8.94 27.06
N GLU B 403 -14.29 -8.36 27.64
CA GLU B 403 -14.20 -7.15 28.45
C GLU B 403 -13.50 -6.01 27.73
N GLY B 404 -13.61 -6.00 26.41
CA GLY B 404 -13.14 -4.88 25.60
C GLY B 404 -11.69 -5.08 25.22
N ARG B 405 -11.15 -6.20 25.63
CA ARG B 405 -9.86 -6.66 25.15
C ARG B 405 -10.03 -7.33 23.79
N LEU B 406 -8.99 -7.96 23.30
CA LEU B 406 -8.97 -8.48 21.93
C LEU B 406 -9.81 -9.75 21.78
N VAL B 407 -10.81 -9.64 20.92
CA VAL B 407 -11.85 -10.65 20.73
C VAL B 407 -11.31 -11.88 20.01
N ASN B 408 -10.37 -11.68 19.12
CA ASN B 408 -9.73 -12.80 18.42
C ASN B 408 -8.84 -13.65 19.32
N LEU B 409 -8.35 -13.04 20.38
CA LEU B 409 -7.50 -13.75 21.34
C LEU B 409 -8.34 -14.19 22.54
N GLY B 410 -9.33 -13.39 22.90
CA GLY B 410 -10.14 -13.66 24.09
C GLY B 410 -11.23 -14.70 23.86
N CYS B 411 -11.88 -14.62 22.69
CA CYS B 411 -13.04 -15.48 22.36
C CYS B 411 -12.73 -16.52 21.31
N ALA B 412 -11.54 -16.44 20.71
CA ALA B 412 -11.10 -17.44 19.74
C ALA B 412 -9.67 -17.86 20.09
N THR B 413 -8.87 -18.21 19.09
CA THR B 413 -7.53 -18.73 19.35
C THR B 413 -6.38 -17.90 18.76
N GLY B 414 -6.66 -16.67 18.36
CA GLY B 414 -5.65 -15.87 17.67
C GLY B 414 -5.37 -16.32 16.24
N HIS B 415 -4.28 -15.81 15.67
CA HIS B 415 -3.98 -16.01 14.25
C HIS B 415 -3.70 -17.47 13.95
N PRO B 416 -4.09 -17.92 12.75
CA PRO B 416 -3.76 -19.27 12.34
C PRO B 416 -2.28 -19.44 12.03
N SER B 417 -1.82 -20.68 11.96
CA SER B 417 -0.40 -20.99 11.81
C SER B 417 0.23 -20.40 10.55
N PHE B 418 -0.50 -20.44 9.44
CA PHE B 418 0.04 -19.95 8.15
C PHE B 418 0.41 -18.47 8.25
N VAL B 419 -0.40 -17.74 9.00
CA VAL B 419 -0.18 -16.33 9.28
C VAL B 419 1.10 -16.15 10.10
N MET B 420 1.17 -16.86 11.22
CA MET B 420 2.34 -16.84 12.10
C MET B 420 3.57 -17.31 11.37
N SER B 421 3.38 -18.18 10.39
CA SER B 421 4.51 -18.65 9.59
C SER B 421 5.17 -17.47 8.84
N ASN B 422 4.36 -16.50 8.42
CA ASN B 422 4.87 -15.33 7.72
C ASN B 422 5.63 -14.42 8.67
N SER B 423 5.07 -14.15 9.85
CA SER B 423 5.79 -13.38 10.86
C SER B 423 7.12 -14.04 11.26
N PHE B 424 7.12 -15.34 11.51
CA PHE B 424 8.30 -16.03 12.03
C PHE B 424 9.36 -16.32 10.99
N THR B 425 8.94 -16.43 9.73
CA THR B 425 9.89 -16.57 8.65
C THR B 425 10.63 -15.25 8.48
N ASN B 426 9.92 -14.15 8.72
CA ASN B 426 10.53 -12.82 8.76
C ASN B 426 11.63 -12.79 9.81
N GLN B 427 11.31 -13.27 11.02
CA GLN B 427 12.27 -13.28 12.15
C GLN B 427 13.48 -14.13 11.81
N THR B 428 13.24 -15.25 11.17
CA THR B 428 14.32 -16.19 10.86
C THR B 428 15.29 -15.62 9.85
N LEU B 429 14.76 -15.12 8.76
CA LEU B 429 15.59 -14.47 7.74
C LEU B 429 16.32 -13.24 8.32
N ALA B 430 15.68 -12.51 9.22
CA ALA B 430 16.32 -11.35 9.89
C ALA B 430 17.52 -11.80 10.74
N GLN B 431 17.35 -12.90 11.47
CA GLN B 431 18.43 -13.46 12.29
C GLN B 431 19.59 -13.95 11.43
N ILE B 432 19.28 -14.62 10.32
CA ILE B 432 20.32 -15.09 9.40
C ILE B 432 21.09 -13.89 8.87
N GLU B 433 20.38 -12.86 8.45
CA GLU B 433 21.02 -11.69 7.85
C GLU B 433 21.93 -10.95 8.86
N LEU B 434 21.45 -10.74 10.08
CA LEU B 434 22.20 -9.95 11.05
C LEU B 434 23.38 -10.77 11.61
N PHE B 435 23.18 -12.06 11.78
CA PHE B 435 24.25 -12.94 12.25
C PHE B 435 25.34 -13.12 11.19
N THR B 436 24.97 -13.32 9.93
CA THR B 436 25.97 -13.63 8.92
C THR B 436 26.54 -12.39 8.22
N ARG B 437 25.82 -11.27 8.26
CA ARG B 437 26.22 -10.06 7.53
C ARG B 437 26.06 -8.78 8.32
N GLY B 438 25.97 -8.88 9.64
CA GLY B 438 25.74 -7.71 10.48
C GLY B 438 26.83 -6.63 10.40
N GLY B 439 28.01 -7.03 9.94
CA GLY B 439 29.15 -6.12 9.81
C GLY B 439 28.87 -5.05 8.78
N GLU B 440 27.99 -5.41 7.84
CA GLU B 440 27.60 -4.51 6.75
C GLU B 440 26.63 -3.46 7.21
N TYR B 441 26.18 -3.57 8.46
CA TYR B 441 25.11 -2.70 8.96
C TYR B 441 25.63 -1.78 10.07
N ALA B 442 25.02 -0.62 10.21
CA ALA B 442 25.36 0.29 11.30
C ALA B 442 24.48 0.01 12.52
N ASN B 443 24.72 0.79 13.57
CA ASN B 443 23.97 0.63 14.82
C ASN B 443 22.70 1.44 14.71
N LYS B 444 21.89 1.02 13.76
CA LYS B 444 20.58 1.60 13.49
C LYS B 444 19.48 0.55 13.42
N VAL B 445 18.25 1.06 13.36
CA VAL B 445 17.08 0.25 13.03
C VAL B 445 16.85 0.21 11.52
N TYR B 446 16.97 -0.99 10.96
CA TYR B 446 16.63 -1.26 9.57
C TYR B 446 15.32 -2.05 9.43
N VAL B 447 14.51 -1.66 8.45
CA VAL B 447 13.41 -2.53 8.05
C VAL B 447 14.03 -3.66 7.23
N LEU B 448 13.44 -4.83 7.31
CA LEU B 448 13.93 -5.96 6.54
C LEU B 448 14.10 -5.52 5.07
N PRO B 449 15.27 -5.83 4.48
CA PRO B 449 15.49 -5.55 3.08
C PRO B 449 14.42 -6.21 2.20
N LYS B 450 14.06 -5.50 1.13
CA LYS B 450 12.94 -5.94 0.29
C LYS B 450 13.15 -7.33 -0.25
N HIS B 451 14.40 -7.71 -0.51
CA HIS B 451 14.62 -9.01 -1.17
C HIS B 451 14.38 -10.18 -0.23
N LEU B 452 14.47 -9.91 1.06
CA LEU B 452 14.23 -10.92 2.08
C LEU B 452 12.73 -11.00 2.35
N ASP B 453 12.08 -9.83 2.29
CA ASP B 453 10.63 -9.73 2.36
C ASP B 453 10.00 -10.56 1.22
N GLU B 454 10.56 -10.44 0.02
CA GLU B 454 10.13 -11.20 -1.13
C GLU B 454 10.37 -12.68 -0.90
N LYS B 455 11.46 -12.98 -0.21
CA LYS B 455 11.82 -14.37 0.02
C LYS B 455 10.82 -15.02 0.97
N VAL B 456 10.32 -14.25 1.92
CA VAL B 456 9.32 -14.75 2.84
C VAL B 456 8.11 -15.22 2.03
N ALA B 457 7.60 -14.32 1.17
CA ALA B 457 6.45 -14.59 0.29
C ALA B 457 6.71 -15.83 -0.55
N ARG B 458 7.88 -15.88 -1.18
CA ARG B 458 8.21 -16.97 -2.08
C ARG B 458 8.20 -18.33 -1.41
N LEU B 459 8.71 -18.36 -0.18
CA LEU B 459 8.79 -19.58 0.62
C LEU B 459 7.40 -20.12 1.00
N HIS B 460 6.37 -19.31 0.75
CA HIS B 460 5.00 -19.73 1.09
C HIS B 460 4.15 -20.17 -0.10
N LEU B 461 4.71 -20.05 -1.28
CA LEU B 461 3.98 -20.27 -2.54
C LEU B 461 3.74 -21.74 -2.87
N ALA B 462 4.72 -22.60 -2.59
CA ALA B 462 4.60 -24.00 -2.96
C ALA B 462 3.46 -24.63 -2.19
N ARG B 463 3.28 -24.24 -0.94
CA ARG B 463 2.22 -24.80 -0.11
C ARG B 463 0.85 -24.57 -0.72
N ILE B 464 0.64 -23.35 -1.25
CA ILE B 464 -0.67 -22.97 -1.74
C ILE B 464 -0.81 -23.21 -3.24
N GLY B 465 0.21 -23.81 -3.84
CA GLY B 465 0.19 -24.17 -5.25
C GLY B 465 0.29 -22.99 -6.20
N ALA B 466 0.84 -21.88 -5.73
CA ALA B 466 1.08 -20.71 -6.58
C ALA B 466 2.38 -20.87 -7.38
N GLN B 467 2.29 -20.81 -8.71
CA GLN B 467 3.47 -20.91 -9.59
C GLN B 467 4.03 -19.54 -10.00
N LEU B 468 5.20 -19.24 -9.46
CA LEU B 468 5.88 -17.98 -9.73
C LEU B 468 6.54 -18.05 -11.10
N SER B 469 6.43 -16.96 -11.84
CA SER B 469 7.12 -16.83 -13.13
C SER B 469 8.47 -16.16 -12.97
N GLU B 470 9.31 -16.37 -13.97
CA GLU B 470 10.67 -15.82 -14.04
C GLU B 470 10.82 -14.82 -15.17
N LEU B 471 11.44 -13.69 -14.88
CA LEU B 471 11.77 -12.72 -15.90
C LEU B 471 12.85 -13.29 -16.81
N SER B 472 12.77 -12.95 -18.10
CA SER B 472 13.92 -13.16 -19.01
C SER B 472 14.90 -12.00 -18.81
N ASP B 473 16.07 -12.11 -19.41
CA ASP B 473 17.07 -11.05 -19.30
C ASP B 473 16.52 -9.77 -19.91
N ASP B 474 15.86 -9.88 -21.06
CA ASP B 474 15.32 -8.71 -21.76
C ASP B 474 14.25 -8.04 -20.93
N GLN B 475 13.41 -8.85 -20.29
CA GLN B 475 12.32 -8.35 -19.48
C GLN B 475 12.83 -7.66 -18.22
N ALA B 476 13.84 -8.22 -17.57
CA ALA B 476 14.42 -7.62 -16.38
C ALA B 476 15.00 -6.22 -16.67
N ALA B 477 15.73 -6.11 -17.78
CA ALA B 477 16.31 -4.83 -18.23
C ALA B 477 15.23 -3.85 -18.63
N TYR B 478 14.18 -4.35 -19.27
CA TYR B 478 13.11 -3.51 -19.77
C TYR B 478 12.41 -2.77 -18.64
N ILE B 479 12.23 -3.41 -17.49
CA ILE B 479 11.56 -2.77 -16.35
C ILE B 479 12.56 -2.31 -15.30
N GLY B 480 13.83 -2.58 -15.53
CA GLY B 480 14.91 -2.05 -14.68
C GLY B 480 15.18 -2.79 -13.37
N VAL B 481 15.10 -4.11 -13.40
CA VAL B 481 15.30 -4.88 -12.19
C VAL B 481 16.20 -6.05 -12.48
N SER B 482 16.72 -6.63 -11.41
CA SER B 482 17.40 -7.90 -11.51
C SER B 482 16.39 -9.04 -11.50
N LYS B 483 16.70 -10.08 -12.25
CA LYS B 483 15.89 -11.28 -12.33
C LYS B 483 15.62 -11.88 -10.96
N ALA B 484 16.52 -11.58 -10.02
CA ALA B 484 16.48 -12.22 -8.68
C ALA B 484 15.74 -11.33 -7.71
N GLY B 485 15.35 -10.15 -8.18
CA GLY B 485 14.77 -9.10 -7.35
C GLY B 485 15.83 -8.26 -6.67
N PRO B 486 15.42 -7.27 -5.88
CA PRO B 486 14.04 -6.92 -5.64
C PRO B 486 13.33 -6.34 -6.87
N PHE B 487 12.00 -6.45 -6.86
CA PHE B 487 11.20 -6.21 -8.05
C PHE B 487 10.51 -4.88 -8.03
N LYS B 488 10.43 -4.28 -6.84
CA LYS B 488 9.73 -3.03 -6.65
C LYS B 488 10.61 -2.00 -5.99
N PRO B 489 10.35 -0.71 -6.23
CA PRO B 489 11.06 0.36 -5.52
C PRO B 489 10.64 0.42 -4.07
N ASP B 490 11.47 1.06 -3.27
CA ASP B 490 11.29 1.00 -1.81
C ASP B 490 9.99 1.62 -1.36
N HIS B 491 9.52 2.61 -2.10
CA HIS B 491 8.27 3.30 -1.77
C HIS B 491 6.99 2.58 -2.28
N TYR B 492 7.15 1.39 -2.87
CA TYR B 492 6.01 0.68 -3.44
C TYR B 492 5.05 0.22 -2.33
N ARG B 493 3.76 0.45 -2.56
CA ARG B 493 2.72 0.25 -1.56
C ARG B 493 1.99 -1.08 -1.61
N TYR B 494 2.08 -1.79 -2.72
CA TYR B 494 1.37 -3.06 -2.91
C TYR B 494 -0.15 -2.87 -2.77
PA NAD C . 2.81 -2.26 -11.17
O1A NAD C . 4.27 -2.26 -11.27
O2A NAD C . 2.23 -1.81 -9.90
O5B NAD C . 2.36 -3.77 -11.50
C5B NAD C . 2.90 -4.49 -12.58
C4B NAD C . 3.05 -5.94 -12.13
O4B NAD C . 3.42 -6.76 -13.19
C3B NAD C . 4.12 -6.04 -11.07
O3B NAD C . 3.54 -6.46 -9.84
C2B NAD C . 5.13 -7.04 -11.63
O2B NAD C . 5.59 -7.95 -10.64
C1B NAD C . 4.33 -7.72 -12.73
N9A NAD C . 5.13 -8.24 -13.84
C8A NAD C . 6.20 -7.67 -14.48
N7A NAD C . 6.61 -8.53 -15.44
C5A NAD C . 5.81 -9.60 -15.43
C6A NAD C . 5.81 -10.74 -16.20
N6A NAD C . 6.78 -10.95 -17.11
N1A NAD C . 4.84 -11.70 -15.94
C2A NAD C . 3.94 -11.53 -14.92
N3A NAD C . 3.95 -10.39 -14.15
C4A NAD C . 4.89 -9.45 -14.41
O3 NAD C . 2.21 -1.32 -12.33
PN NAD C . 0.68 -0.87 -12.48
O1N NAD C . 0.45 0.40 -11.83
O2N NAD C . -0.19 -2.08 -12.29
O5D NAD C . 0.69 -0.58 -14.05
C5D NAD C . 1.02 -1.60 -14.98
C4D NAD C . 1.04 -0.94 -16.35
O4D NAD C . -0.23 -0.41 -16.64
C3D NAD C . 2.00 0.26 -16.40
O3D NAD C . 2.64 0.32 -17.67
C2D NAD C . 1.12 1.47 -16.30
O2D NAD C . 1.71 2.55 -16.97
C1D NAD C . -0.10 0.95 -17.02
N1N NAD C . -1.32 1.75 -16.77
C2N NAD C . -2.27 1.68 -17.74
C3N NAD C . -3.46 2.36 -17.64
C7N NAD C . -4.49 2.11 -18.70
O7N NAD C . -5.40 3.11 -18.94
N7N NAD C . -4.56 0.98 -19.38
C4N NAD C . -3.70 3.15 -16.53
C5N NAD C . -2.72 3.20 -15.53
C6N NAD C . -1.54 2.50 -15.66
PA NAD D . -3.72 1.33 10.94
O1A NAD D . -3.10 2.61 11.36
O2A NAD D . -3.30 0.82 9.62
O5B NAD D . -5.29 1.60 10.93
C5B NAD D . -5.91 2.28 11.97
C4B NAD D . -7.02 3.10 11.35
O4B NAD D . -7.85 3.67 12.35
C3B NAD D . -6.55 4.27 10.49
O3B NAD D . -6.54 4.42 9.08
C2B NAD D . -6.97 5.51 11.28
O2B NAD D . -7.29 6.62 10.45
C1B NAD D . -8.19 5.00 12.00
N9A NAD D . -8.55 5.75 13.18
C8A NAD D . -7.75 6.25 14.19
N7A NAD D . -8.56 6.86 15.08
C5A NAD D . -9.84 6.75 14.66
C6A NAD D . -11.05 7.16 15.18
N6A NAD D . -11.11 7.86 16.31
N1A NAD D . -12.19 6.88 14.49
C2A NAD D . -12.17 6.18 13.29
N3A NAD D . -10.96 5.77 12.77
C4A NAD D . -9.85 6.06 13.46
O3 NAD D . -3.48 0.20 12.06
PN NAD D . -3.86 -1.35 11.90
O1N NAD D . -2.71 -2.13 11.42
O2N NAD D . -5.21 -1.46 11.26
O5D NAD D . -4.03 -1.73 13.45
C5D NAD D . -5.00 -1.09 14.23
C4D NAD D . -4.85 -1.64 15.64
O4D NAD D . -5.02 -3.04 15.60
C3D NAD D . -3.43 -1.41 16.18
O3D NAD D . -3.57 -1.06 17.52
C2D NAD D . -2.76 -2.75 16.06
O2D NAD D . -1.74 -2.91 17.01
C1D NAD D . -3.95 -3.69 16.25
N1N NAD D . -3.72 -5.05 15.76
C2N NAD D . -4.42 -6.02 16.39
C3N NAD D . -4.29 -7.34 16.05
C7N NAD D . -5.19 -8.34 16.70
O7N NAD D . -4.73 -9.63 16.85
N7N NAD D . -6.38 -7.95 17.16
C4N NAD D . -3.41 -7.70 15.04
C5N NAD D . -2.69 -6.70 14.38
C6N NAD D . -2.87 -5.37 14.76
#